data_6Q82
#
_entry.id   6Q82
#
_cell.length_a   192.990
_cell.length_b   192.990
_cell.length_c   229.170
_cell.angle_alpha   90.000
_cell.angle_beta   90.000
_cell.angle_gamma   120.000
#
_symmetry.space_group_name_H-M   'P 63 2 2'
#
loop_
_entity.id
_entity.type
_entity.pdbx_description
1 polymer 'Importin beta-like protein KAP122'
2 polymer 'GTP-binding nuclear protein Ran'
3 non-polymer "GUANOSINE-5'-TRIPHOSPHATE"
4 non-polymer 'MAGNESIUM ION'
#
loop_
_entity_poly.entity_id
_entity_poly.type
_entity_poly.pdbx_seq_one_letter_code
_entity_poly.pdbx_strand_id
1 'polypeptide(L)'
;SSIHEVVALIEELYSPHPKHDVNQIQQSLQSIQKSEQGFHLANELLSDDKYSANVKYFGALTLTVQLNTRGENDYETLWN
VFRSNLLYLTKFSTLYVSNPN(MSE)YGQSLIIIKKL(MSE)SNLSLIFTKINDPQLNNAGNEN(MSE)IKQWNNPINTF
IQL(MSE)SVQNQNINADQLLLDSINCSLTYEQLSQFVSLSQKHNELALTFTEVIVEDLTKFQTKRHS(MSE)SQIHEVV
HEHLYIST(MSE)ALINLNLTAQAVFNPTVFDCITAWINYISLTRSVSSSGR(MSE)DLSEIFQNLIDL(MSE)YQSTEG
SDGYENAEKILTIFGNVFANDPLL(MSE)SYDLRQQIECIFLGVVRPDSGITDISNKNSW(MSE)LQY(MSE)NYLVTND
FFSELKELAICIVDFLQINTLSVCNKLFTNIQAADNGQVQDEYIQEYIKVLLQ(MSE)TNFPLTPVLQEFFSVR(MSE)V
DFWLDLSDAYTNLASETLRPNSIELSTQIFQQLINIYLPKISLSVKQRIIEEEGESTSVNEFEDFRNAVSDLAQSLWSIL
GNDNLTNVLIDG(MSE)GQ(MSE)PAASDETLIIKDTDVLFRIET(MSE)CFVLNTILVD(MSE)TLSESPWIKNIVDAN
KFFNQNVISVFQTGFQTSASTKVSQILKLDFVRTSTTLIGTLAGYFKQEPFQLNPYVEALFQGLHTCTNFTSKNEQEKIS
NDKLEV(MSE)VIKTVSTLCETCREELTPYL(MSE)HFISFLNTVI(MSE)PDSNVSHFTRTKLVRSIGYVVQCQVSNGP
EEQAKYILQLTNLLSGSIEHCLASSVQLQEQQDYINCLLYCISELATSLIQPTEIIENDALLQRLSEFQSFWSSDPLQIR
SKI(MSE)CTIDKVLDNSIYCKNSAFVEIGCLIVGKGLNLPDGEPYFLKYN(MSE)SEV(MSE)NFVLRHVPNCELATCL
PYFVYLLEKLISEFRKELTPQEFDF(MSE)FEKILLVYYDAYIINDPDLLQ(MSE)TIGFVNNVLDVKPGLAIGSKHWTS
FILPQFLKLIPSREKFTIVAVAKFWTKLINNKKYNQEELTTVRQQVSSIGGDLVYQI(MSE)YGLFHTQRSDLNSYTDLL
RALVAKFPIEAREWLVAVLPQICNNPAGHEKFINKLLITRGSRAAGNVILQWWLDCTTLPNYQG
;
A
2 'polypeptide(L)'
;GEPQVQFKLVLVGDGGTGKTTFVKRHLTGEFEKKYVATLGVEVHPLVFHTNRGPIKFNVWDTAGLEKFGGLRDGYYIQAQ
CAIIMFDVTSRVTYKNVPNWHRDLVRVCENIPIVLCGNKVDIKDRKVKAKSIVFHRKKNLQYYDISAKSNYNFEKPFLWL
ARKLIGDPNLEFVAMP
;
B
#
loop_
_chem_comp.id
_chem_comp.type
_chem_comp.name
_chem_comp.formula
GTP non-polymer GUANOSINE-5'-TRIPHOSPHATE 'C10 H16 N5 O14 P3'
MG non-polymer 'MAGNESIUM ION' 'Mg 2'
#
# COMPACT_ATOMS: atom_id res chain seq x y z
N SER A 2 -20.68 23.37 40.98
CA SER A 2 -20.06 23.47 39.68
C SER A 2 -20.34 22.22 38.84
N ILE A 3 -20.73 21.14 39.52
CA ILE A 3 -20.99 19.88 38.84
C ILE A 3 -22.13 20.02 37.83
N HIS A 4 -23.12 20.86 38.14
CA HIS A 4 -24.24 21.02 37.23
C HIS A 4 -23.81 21.67 35.92
N GLU A 5 -22.93 22.68 36.01
CA GLU A 5 -22.42 23.31 34.79
C GLU A 5 -21.45 22.41 34.05
N VAL A 6 -20.68 21.59 34.80
CA VAL A 6 -19.84 20.59 34.16
C VAL A 6 -20.70 19.64 33.33
N VAL A 7 -21.76 19.09 33.93
CA VAL A 7 -22.69 18.23 33.19
C VAL A 7 -23.29 18.99 32.02
N ALA A 8 -23.57 20.28 32.19
CA ALA A 8 -24.16 21.08 31.13
C ALA A 8 -23.26 21.10 29.90
N LEU A 9 -21.98 21.43 30.07
CA LEU A 9 -21.14 21.49 28.88
C LEU A 9 -20.69 20.11 28.42
N ILE A 10 -20.78 19.08 29.26
CA ILE A 10 -20.63 17.71 28.77
C ILE A 10 -21.76 17.38 27.80
N GLU A 11 -23.00 17.67 28.19
CA GLU A 11 -24.15 17.45 27.31
C GLU A 11 -24.01 18.29 26.04
N GLU A 12 -23.51 19.52 26.17
CA GLU A 12 -23.36 20.38 25.01
C GLU A 12 -22.25 19.88 24.08
N LEU A 13 -21.24 19.21 24.63
CA LEU A 13 -20.25 18.54 23.78
C LEU A 13 -20.90 17.53 22.85
N TYR A 14 -21.85 16.76 23.37
CA TYR A 14 -22.43 15.62 22.66
C TYR A 14 -23.74 15.96 21.96
N SER A 15 -24.04 17.24 21.80
CA SER A 15 -25.26 17.69 21.15
C SER A 15 -25.06 17.76 19.64
N PRO A 16 -26.14 17.56 18.87
CA PRO A 16 -25.99 17.61 17.40
C PRO A 16 -25.77 19.01 16.88
N HIS A 17 -26.49 20.01 17.39
CA HIS A 17 -26.36 21.41 16.98
C HIS A 17 -25.98 22.25 18.19
N PRO A 18 -24.69 22.30 18.52
CA PRO A 18 -24.25 23.13 19.65
C PRO A 18 -23.86 24.54 19.22
N LYS A 19 -23.89 25.43 20.19
CA LYS A 19 -23.25 26.73 20.10
C LYS A 19 -22.01 26.70 21.00
N HIS A 20 -21.32 27.83 21.11
CA HIS A 20 -20.17 28.02 22.00
C HIS A 20 -18.92 27.27 21.53
N ASP A 21 -18.95 26.70 20.33
CA ASP A 21 -17.79 26.05 19.70
C ASP A 21 -17.35 24.80 20.46
N VAL A 22 -17.59 23.64 19.83
CA VAL A 22 -17.30 22.36 20.46
C VAL A 22 -15.81 22.18 20.70
N ASN A 23 -14.97 22.86 19.92
CA ASN A 23 -13.52 22.78 20.15
C ASN A 23 -13.15 23.38 21.50
N GLN A 24 -13.63 24.58 21.78
CA GLN A 24 -13.37 25.17 23.09
C GLN A 24 -14.07 24.40 24.20
N ILE A 25 -15.25 23.83 23.91
CA ILE A 25 -15.94 23.02 24.92
C ILE A 25 -15.08 21.83 25.33
N GLN A 26 -14.56 21.09 24.34
CA GLN A 26 -13.76 19.93 24.66
C GLN A 26 -12.43 20.32 25.29
N GLN A 27 -11.88 21.49 24.92
CA GLN A 27 -10.67 21.94 25.60
C GLN A 27 -10.95 22.21 27.08
N SER A 28 -12.06 22.89 27.38
CA SER A 28 -12.43 23.13 28.76
C SER A 28 -12.65 21.83 29.51
N LEU A 29 -13.24 20.83 28.84
CA LEU A 29 -13.43 19.53 29.49
C LEU A 29 -12.09 18.85 29.74
N GLN A 30 -11.11 19.04 28.85
CA GLN A 30 -9.77 18.53 29.13
C GLN A 30 -9.14 19.26 30.30
N SER A 31 -9.50 20.53 30.50
CA SER A 31 -8.93 21.29 31.63
C SER A 31 -9.41 20.74 32.96
N ILE A 32 -10.66 20.26 33.03
CA ILE A 32 -11.21 19.75 34.28
C ILE A 32 -10.46 18.53 34.78
N GLN A 33 -9.83 17.78 33.89
CA GLN A 33 -9.07 16.58 34.24
C GLN A 33 -7.62 16.73 33.77
N LYS A 34 -6.69 16.72 34.72
CA LYS A 34 -7.01 16.55 36.13
C LYS A 34 -7.18 17.90 36.83
N SER A 35 -7.52 17.83 38.11
CA SER A 35 -7.72 19.00 38.95
C SER A 35 -7.76 18.51 40.40
N GLU A 36 -8.01 19.44 41.32
CA GLU A 36 -8.21 19.05 42.71
C GLU A 36 -9.44 18.18 42.86
N GLN A 37 -10.49 18.44 42.07
CA GLN A 37 -11.75 17.75 42.20
C GLN A 37 -12.08 16.88 41.00
N GLY A 38 -11.20 16.80 40.00
CA GLY A 38 -11.49 15.98 38.83
C GLY A 38 -11.75 14.53 39.18
N PHE A 39 -10.97 13.97 40.10
CA PHE A 39 -11.22 12.62 40.58
C PHE A 39 -12.56 12.54 41.31
N HIS A 40 -12.80 13.48 42.24
CA HIS A 40 -14.07 13.51 42.95
C HIS A 40 -15.22 13.80 42.00
N LEU A 41 -14.95 14.52 40.92
CA LEU A 41 -15.98 14.80 39.92
C LEU A 41 -16.46 13.50 39.29
N ALA A 42 -15.54 12.64 38.84
CA ALA A 42 -15.93 11.35 38.29
C ALA A 42 -16.74 10.55 39.30
N ASN A 43 -16.32 10.59 40.57
CA ASN A 43 -17.07 9.97 41.65
C ASN A 43 -18.53 10.38 41.63
N GLU A 44 -18.77 11.70 41.75
CA GLU A 44 -20.13 12.18 41.86
C GLU A 44 -20.90 12.04 40.54
N LEU A 45 -20.18 11.93 39.42
CA LEU A 45 -20.80 11.73 38.11
C LEU A 45 -21.28 10.30 37.91
N LEU A 46 -20.57 9.32 38.47
CA LEU A 46 -20.98 7.93 38.31
C LEU A 46 -22.01 7.50 39.35
N SER A 47 -21.90 8.01 40.59
CA SER A 47 -22.75 7.53 41.67
C SER A 47 -24.17 8.06 41.62
N ASP A 48 -24.42 9.15 40.89
CA ASP A 48 -25.75 9.73 40.82
C ASP A 48 -26.55 9.09 39.69
N ASP A 49 -27.75 8.61 40.02
CA ASP A 49 -28.56 7.89 39.05
C ASP A 49 -29.16 8.79 37.97
N LYS A 50 -29.35 10.08 38.26
CA LYS A 50 -30.05 10.94 37.31
C LYS A 50 -29.22 11.27 36.07
N TYR A 51 -27.92 11.04 36.11
CA TYR A 51 -27.06 11.42 35.00
C TYR A 51 -27.23 10.46 33.83
N SER A 52 -27.14 11.00 32.62
CA SER A 52 -27.40 10.21 31.42
C SER A 52 -26.21 9.30 31.10
N ALA A 53 -26.33 8.53 30.03
CA ALA A 53 -25.31 7.54 29.68
C ALA A 53 -24.03 8.22 29.21
N ASN A 54 -24.16 9.22 28.34
CA ASN A 54 -22.96 9.94 27.88
C ASN A 54 -22.24 10.59 29.04
N VAL A 55 -23.00 11.10 30.01
CA VAL A 55 -22.43 11.81 31.15
C VAL A 55 -21.72 10.82 32.09
N LYS A 56 -22.36 9.69 32.37
CA LYS A 56 -21.71 8.66 33.17
C LYS A 56 -20.45 8.13 32.50
N TYR A 57 -20.49 8.00 31.16
CA TYR A 57 -19.30 7.54 30.46
C TYR A 57 -18.19 8.57 30.46
N PHE A 58 -18.54 9.87 30.42
CA PHE A 58 -17.51 10.88 30.58
C PHE A 58 -16.90 10.82 31.98
N GLY A 59 -17.71 10.50 32.99
CA GLY A 59 -17.15 10.27 34.31
C GLY A 59 -16.17 9.10 34.33
N ALA A 60 -16.58 7.98 33.75
CA ALA A 60 -15.70 6.82 33.66
C ALA A 60 -14.42 7.15 32.91
N LEU A 61 -14.52 8.01 31.90
CA LEU A 61 -13.33 8.46 31.17
C LEU A 61 -12.44 9.35 32.02
N THR A 62 -13.04 10.26 32.80
CA THR A 62 -12.26 11.12 33.66
C THR A 62 -11.54 10.33 34.74
N LEU A 63 -12.06 9.17 35.12
CA LEU A 63 -11.30 8.32 36.02
C LEU A 63 -10.01 7.78 35.39
N THR A 64 -9.87 7.85 34.06
CA THR A 64 -8.75 7.21 33.38
C THR A 64 -7.44 7.98 33.55
N VAL A 65 -7.46 9.15 34.19
CA VAL A 65 -6.28 10.00 34.27
C VAL A 65 -5.33 9.54 35.39
N GLN A 66 -4.87 8.29 35.30
CA GLN A 66 -3.71 7.85 36.08
C GLN A 66 -2.40 8.14 35.37
N LEU A 67 -2.46 8.63 34.14
CA LEU A 67 -1.28 9.07 33.40
C LEU A 67 -0.89 10.51 33.72
N ASN A 68 -1.59 11.17 34.64
CA ASN A 68 -1.32 12.56 34.98
C ASN A 68 -0.04 12.69 35.80
N THR A 77 0.67 9.86 44.31
CA THR A 77 1.78 9.22 43.61
C THR A 77 1.62 7.70 43.54
N LEU A 78 1.49 7.06 44.72
CA LEU A 78 1.37 5.62 44.80
C LEU A 78 0.08 5.12 45.42
N TRP A 79 -0.68 5.98 46.11
CA TRP A 79 -1.89 5.58 46.81
C TRP A 79 -3.16 6.11 46.17
N ASN A 80 -3.09 7.24 45.48
CA ASN A 80 -4.20 7.65 44.61
C ASN A 80 -4.52 6.58 43.58
N VAL A 81 -3.53 5.76 43.21
CA VAL A 81 -3.80 4.59 42.40
C VAL A 81 -4.77 3.66 43.11
N PHE A 82 -4.58 3.46 44.42
CA PHE A 82 -5.53 2.66 45.19
C PHE A 82 -6.91 3.30 45.21
N ARG A 83 -6.96 4.62 45.40
CA ARG A 83 -8.25 5.31 45.39
C ARG A 83 -8.99 5.07 44.08
N SER A 84 -8.30 5.26 42.95
CA SER A 84 -8.96 5.08 41.65
C SER A 84 -9.34 3.62 41.41
N ASN A 85 -8.50 2.69 41.87
CA ASN A 85 -8.84 1.27 41.76
C ASN A 85 -10.11 0.95 42.53
N LEU A 86 -10.19 1.42 43.77
CA LEU A 86 -11.38 1.24 44.59
C LEU A 86 -12.61 1.79 43.89
N LEU A 87 -12.49 2.98 43.28
CA LEU A 87 -13.66 3.58 42.66
C LEU A 87 -14.07 2.81 41.40
N TYR A 88 -13.10 2.33 40.62
CA TYR A 88 -13.45 1.50 39.48
C TYR A 88 -14.21 0.26 39.92
N LEU A 89 -13.70 -0.46 40.93
CA LEU A 89 -14.40 -1.65 41.40
C LEU A 89 -15.82 -1.32 41.89
N THR A 90 -15.96 -0.23 42.65
CA THR A 90 -17.27 0.09 43.22
C THR A 90 -18.28 0.46 42.14
N LYS A 91 -17.96 1.46 41.32
CA LYS A 91 -18.89 1.86 40.27
C LYS A 91 -19.12 0.73 39.29
N PHE A 92 -18.10 -0.10 39.07
CA PHE A 92 -18.23 -1.32 38.30
C PHE A 92 -19.36 -2.18 38.85
N SER A 93 -19.29 -2.46 40.15
CA SER A 93 -20.28 -3.34 40.77
C SER A 93 -21.67 -2.72 40.72
N THR A 94 -21.78 -1.42 40.95
CA THR A 94 -23.07 -0.75 40.83
C THR A 94 -23.67 -0.98 39.44
N LEU A 95 -22.94 -0.56 38.42
CA LEU A 95 -23.45 -0.61 37.05
C LEU A 95 -23.57 -2.03 36.52
N TYR A 96 -22.97 -3.03 37.18
CA TYR A 96 -23.10 -4.41 36.69
C TYR A 96 -24.18 -5.17 37.44
N VAL A 97 -24.51 -4.75 38.67
CA VAL A 97 -25.71 -5.26 39.33
C VAL A 97 -26.95 -4.72 38.65
N SER A 98 -26.90 -3.45 38.21
CA SER A 98 -28.08 -2.92 37.53
C SER A 98 -28.30 -3.54 36.14
N ASN A 99 -27.38 -4.38 35.65
CA ASN A 99 -27.45 -4.90 34.29
C ASN A 99 -28.40 -6.09 34.15
N PRO A 100 -28.31 -7.14 34.98
CA PRO A 100 -29.17 -8.31 34.75
C PRO A 100 -30.66 -8.01 34.76
N ASN A 101 -31.13 -7.26 35.75
CA ASN A 101 -32.54 -6.89 35.86
C ASN A 101 -32.82 -5.66 35.00
N MSE A 102 -32.68 -5.84 33.70
CA MSE A 102 -32.77 -4.75 32.72
C MSE A 102 -32.81 -5.40 31.34
O MSE A 102 -32.93 -6.62 31.23
CB MSE A 102 -31.58 -3.80 32.87
CG MSE A 102 -31.65 -2.49 32.09
SE MSE A 102 -30.15 -1.32 32.49
CE MSE A 102 -30.53 0.10 31.22
N TYR A 103 -32.73 -4.60 30.27
CA TYR A 103 -32.53 -5.17 28.93
C TYR A 103 -31.91 -4.09 28.04
N GLY A 104 -30.59 -4.05 27.99
CA GLY A 104 -29.85 -3.32 26.99
C GLY A 104 -29.42 -1.93 27.43
N GLN A 105 -28.56 -1.32 26.60
CA GLN A 105 -28.24 0.10 26.57
C GLN A 105 -27.13 0.50 27.55
N SER A 106 -26.87 -0.31 28.58
CA SER A 106 -25.99 0.10 29.68
C SER A 106 -24.68 -0.67 29.71
N LEU A 107 -24.15 -1.09 28.56
CA LEU A 107 -22.99 -1.98 28.53
C LEU A 107 -21.68 -1.27 28.22
N ILE A 108 -21.72 -0.12 27.53
CA ILE A 108 -20.47 0.52 27.11
C ILE A 108 -19.75 1.17 28.30
N ILE A 109 -20.48 1.69 29.27
CA ILE A 109 -19.85 2.24 30.47
C ILE A 109 -19.17 1.13 31.27
N ILE A 110 -19.84 -0.02 31.36
CA ILE A 110 -19.22 -1.20 31.98
C ILE A 110 -17.93 -1.56 31.26
N LYS A 111 -17.99 -1.58 29.91
CA LYS A 111 -16.79 -1.89 29.13
C LYS A 111 -15.66 -0.92 29.43
N LYS A 112 -15.97 0.37 29.57
CA LYS A 112 -14.92 1.34 29.86
C LYS A 112 -14.30 1.10 31.23
N LEU A 113 -15.14 0.83 32.23
CA LEU A 113 -14.61 0.51 33.55
C LEU A 113 -13.73 -0.73 33.49
N MSE A 114 -14.10 -1.70 32.66
CA MSE A 114 -13.30 -2.91 32.48
C MSE A 114 -11.94 -2.61 31.86
O MSE A 114 -10.92 -3.15 32.28
CB MSE A 114 -14.05 -3.94 31.61
CG MSE A 114 -15.32 -4.41 32.24
SE MSE A 114 -16.24 -5.97 31.57
CE MSE A 114 -17.14 -5.18 30.05
N SER A 115 -11.95 -1.73 30.85
CA SER A 115 -10.71 -1.35 30.20
C SER A 115 -9.77 -0.64 31.17
N ASN A 116 -10.32 0.24 31.99
CA ASN A 116 -9.48 0.93 32.96
C ASN A 116 -8.97 -0.02 34.03
N LEU A 117 -9.79 -1.00 34.42
CA LEU A 117 -9.29 -2.04 35.33
C LEU A 117 -8.20 -2.88 34.67
N SER A 118 -8.25 -3.05 33.35
CA SER A 118 -7.16 -3.70 32.65
C SER A 118 -5.87 -2.88 32.76
N LEU A 119 -5.98 -1.57 32.60
CA LEU A 119 -4.79 -0.72 32.73
C LEU A 119 -4.25 -0.74 34.16
N ILE A 120 -5.14 -0.77 35.15
CA ILE A 120 -4.70 -0.92 36.55
C ILE A 120 -4.01 -2.26 36.74
N PHE A 121 -4.63 -3.33 36.25
CA PHE A 121 -4.04 -4.66 36.29
C PHE A 121 -2.62 -4.67 35.74
N THR A 122 -2.38 -3.92 34.66
CA THR A 122 -1.04 -3.92 34.09
C THR A 122 -0.09 -2.94 34.78
N LYS A 123 -0.61 -1.98 35.56
CA LYS A 123 0.30 -1.14 36.34
C LYS A 123 0.72 -1.79 37.64
N ILE A 124 -0.19 -2.48 38.33
CA ILE A 124 0.17 -3.08 39.62
C ILE A 124 1.16 -4.22 39.42
N ASN A 125 0.92 -5.06 38.42
CA ASN A 125 1.77 -6.24 38.16
C ASN A 125 2.89 -5.85 37.19
N ASP A 126 3.80 -5.04 37.70
CA ASP A 126 4.81 -4.39 36.87
C ASP A 126 6.02 -4.01 37.72
N PRO A 127 7.25 -4.31 37.26
CA PRO A 127 8.44 -3.81 37.97
C PRO A 127 8.58 -2.29 37.92
N GLN A 128 9.82 -1.80 37.99
CA GLN A 128 10.11 -0.37 38.09
C GLN A 128 9.34 0.27 39.25
N ASN A 136 6.37 -0.98 50.64
CA ASN A 136 5.17 -1.65 51.13
C ASN A 136 3.91 -0.90 50.72
N MSE A 137 3.46 -1.14 49.50
CA MSE A 137 2.15 -0.67 49.05
C MSE A 137 1.24 -1.86 48.80
O MSE A 137 0.43 -2.22 49.66
CB MSE A 137 2.30 0.18 47.78
CG MSE A 137 0.99 0.45 47.05
SE MSE A 137 -0.34 1.37 48.10
CE MSE A 137 -1.79 1.27 46.80
N ILE A 138 1.41 -2.49 47.63
CA ILE A 138 0.70 -3.69 47.22
C ILE A 138 1.22 -4.03 45.83
N LYS A 139 1.58 -5.29 45.61
CA LYS A 139 2.19 -5.71 44.36
C LYS A 139 1.34 -6.68 43.56
N GLN A 140 0.33 -7.29 44.19
CA GLN A 140 -0.40 -8.41 43.60
C GLN A 140 -1.82 -7.99 43.27
N TRP A 141 -2.24 -8.28 42.04
CA TRP A 141 -3.65 -8.38 41.68
C TRP A 141 -3.70 -9.44 40.59
N ASN A 142 -3.90 -10.70 41.01
CA ASN A 142 -3.65 -11.86 40.18
C ASN A 142 -4.82 -12.19 39.26
N ASN A 143 -6.04 -12.28 39.78
CA ASN A 143 -7.19 -12.65 38.96
C ASN A 143 -8.30 -11.61 39.08
N PRO A 144 -8.35 -10.65 38.16
CA PRO A 144 -9.48 -9.72 38.11
C PRO A 144 -10.82 -10.41 38.00
N ILE A 145 -10.88 -11.63 37.44
CA ILE A 145 -12.14 -12.36 37.40
C ILE A 145 -12.60 -12.71 38.80
N ASN A 146 -11.72 -13.28 39.62
CA ASN A 146 -12.10 -13.59 40.99
C ASN A 146 -12.49 -12.33 41.75
N THR A 147 -11.69 -11.27 41.59
CA THR A 147 -11.98 -10.01 42.27
C THR A 147 -13.36 -9.48 41.89
N PHE A 148 -13.57 -9.26 40.59
CA PHE A 148 -14.88 -8.95 40.03
C PHE A 148 -16.01 -9.82 40.57
N ILE A 149 -15.79 -11.13 40.65
CA ILE A 149 -16.91 -12.05 40.77
C ILE A 149 -17.30 -12.31 42.22
N GLN A 150 -16.43 -11.99 43.18
CA GLN A 150 -16.87 -12.07 44.57
C GLN A 150 -17.73 -10.89 45.02
N LEU A 151 -17.99 -9.90 44.16
CA LEU A 151 -18.62 -8.66 44.59
C LEU A 151 -20.12 -8.61 44.29
N MSE A 152 -20.75 -9.76 44.04
CA MSE A 152 -22.22 -9.82 44.03
C MSE A 152 -22.70 -10.64 45.21
O MSE A 152 -23.88 -10.64 45.55
CB MSE A 152 -22.76 -10.41 42.73
CG MSE A 152 -22.49 -11.88 42.54
SE MSE A 152 -23.39 -12.57 40.96
CE MSE A 152 -25.21 -12.70 41.65
N SER A 153 -21.76 -11.35 45.84
CA SER A 153 -22.04 -12.14 47.03
C SER A 153 -22.23 -11.30 48.28
N VAL A 154 -21.91 -10.01 48.22
CA VAL A 154 -22.00 -9.14 49.39
C VAL A 154 -23.45 -8.99 49.85
N ALA A 161 -16.77 -3.24 57.18
CA ALA A 161 -18.09 -3.82 56.94
C ALA A 161 -18.46 -3.72 55.46
N ASP A 162 -18.25 -2.54 54.88
CA ASP A 162 -18.54 -2.29 53.47
C ASP A 162 -17.27 -2.02 52.68
N GLN A 163 -16.56 -0.93 52.99
CA GLN A 163 -15.28 -0.68 52.33
C GLN A 163 -14.20 -1.65 52.78
N LEU A 164 -14.37 -2.30 53.93
CA LEU A 164 -13.40 -3.31 54.35
C LEU A 164 -13.47 -4.56 53.49
N LEU A 165 -14.59 -4.80 52.83
CA LEU A 165 -14.71 -5.97 51.94
C LEU A 165 -13.69 -5.90 50.81
N LEU A 166 -13.71 -4.80 50.04
CA LEU A 166 -12.84 -4.64 48.87
C LEU A 166 -11.39 -4.95 49.18
N ASP A 167 -10.97 -4.79 50.43
CA ASP A 167 -9.59 -5.06 50.80
C ASP A 167 -9.27 -6.56 50.69
N SER A 168 -10.09 -7.40 51.32
CA SER A 168 -9.86 -8.84 51.27
C SER A 168 -10.36 -9.48 49.98
N ILE A 169 -11.32 -8.85 49.30
CA ILE A 169 -11.83 -9.39 48.04
C ILE A 169 -10.79 -9.26 46.93
N ASN A 170 -9.80 -8.40 47.10
CA ASN A 170 -8.80 -8.07 46.08
C ASN A 170 -8.21 -9.32 45.43
N CYS A 171 -7.26 -9.98 46.10
CA CYS A 171 -6.64 -11.21 45.60
C CYS A 171 -7.28 -12.45 46.20
N SER A 172 -8.60 -12.44 46.42
CA SER A 172 -9.26 -13.57 47.03
C SER A 172 -9.46 -14.70 46.02
N LEU A 173 -9.29 -15.93 46.49
CA LEU A 173 -9.47 -17.10 45.65
C LEU A 173 -10.96 -17.39 45.47
N THR A 174 -11.30 -17.94 44.31
CA THR A 174 -12.67 -18.31 43.97
C THR A 174 -12.74 -19.80 43.67
N TYR A 175 -13.71 -20.48 44.26
CA TYR A 175 -13.95 -21.87 43.95
C TYR A 175 -14.58 -22.01 42.57
N GLU A 176 -14.14 -23.02 41.81
CA GLU A 176 -14.71 -23.28 40.50
C GLU A 176 -16.19 -23.61 40.56
N GLN A 177 -16.68 -24.09 41.70
CA GLN A 177 -18.11 -24.28 41.86
C GLN A 177 -18.82 -22.94 42.00
N LEU A 178 -18.26 -22.03 42.81
CA LEU A 178 -18.85 -20.71 42.96
C LEU A 178 -18.68 -19.89 41.69
N SER A 179 -17.65 -20.19 40.89
CA SER A 179 -17.55 -19.62 39.56
C SER A 179 -18.77 -19.98 38.72
N GLN A 180 -19.12 -21.28 38.69
CA GLN A 180 -20.25 -21.74 37.90
C GLN A 180 -21.57 -21.22 38.46
N PHE A 181 -21.68 -21.08 39.78
CA PHE A 181 -22.90 -20.52 40.36
C PHE A 181 -23.20 -19.13 39.84
N VAL A 182 -22.16 -18.36 39.49
CA VAL A 182 -22.39 -16.99 39.04
C VAL A 182 -23.09 -16.97 37.70
N SER A 183 -22.82 -17.95 36.84
CA SER A 183 -23.56 -18.14 35.61
C SER A 183 -24.98 -18.68 35.86
N LEU A 184 -25.64 -18.21 36.93
CA LEU A 184 -27.05 -18.54 37.13
C LEU A 184 -27.93 -17.82 36.13
N SER A 185 -27.56 -16.60 35.75
CA SER A 185 -28.20 -15.85 34.69
C SER A 185 -27.26 -15.76 33.49
N GLN A 186 -27.81 -15.30 32.37
CA GLN A 186 -27.06 -15.23 31.12
C GLN A 186 -26.20 -13.96 31.03
N LYS A 187 -26.69 -12.84 31.57
CA LYS A 187 -25.90 -11.62 31.54
C LYS A 187 -24.70 -11.69 32.46
N HIS A 188 -24.77 -12.49 33.53
CA HIS A 188 -23.58 -12.72 34.36
C HIS A 188 -22.48 -13.39 33.55
N ASN A 189 -22.83 -14.45 32.81
CA ASN A 189 -21.88 -15.09 31.91
C ASN A 189 -21.36 -14.09 30.88
N GLU A 190 -22.25 -13.29 30.30
CA GLU A 190 -21.85 -12.29 29.33
C GLU A 190 -20.79 -11.35 29.90
N LEU A 191 -21.03 -10.84 31.11
CA LEU A 191 -20.09 -9.91 31.71
C LEU A 191 -18.76 -10.57 32.05
N ALA A 192 -18.81 -11.81 32.57
CA ALA A 192 -17.58 -12.52 32.91
C ALA A 192 -16.73 -12.76 31.66
N LEU A 193 -17.35 -13.17 30.56
CA LEU A 193 -16.61 -13.37 29.32
C LEU A 193 -16.09 -12.04 28.77
N THR A 194 -16.94 -11.01 28.78
CA THR A 194 -16.55 -9.71 28.24
C THR A 194 -15.37 -9.12 29.00
N PHE A 195 -15.25 -9.45 30.29
CA PHE A 195 -14.19 -8.84 31.09
C PHE A 195 -12.81 -9.39 30.70
N THR A 196 -12.69 -10.73 30.57
CA THR A 196 -11.44 -11.29 30.06
C THR A 196 -11.17 -10.82 28.64
N GLU A 197 -12.21 -10.76 27.80
CA GLU A 197 -12.06 -10.22 26.45
C GLU A 197 -11.42 -8.84 26.50
N VAL A 198 -11.99 -7.94 27.29
CA VAL A 198 -11.48 -6.56 27.40
C VAL A 198 -10.03 -6.57 27.88
N ILE A 199 -9.74 -7.38 28.90
CA ILE A 199 -8.40 -7.38 29.47
C ILE A 199 -7.37 -7.76 28.42
N VAL A 200 -7.59 -8.88 27.72
CA VAL A 200 -6.57 -9.30 26.75
C VAL A 200 -6.57 -8.40 25.53
N GLU A 201 -7.69 -7.78 25.18
CA GLU A 201 -7.68 -6.86 24.05
C GLU A 201 -6.86 -5.61 24.35
N ASP A 202 -6.99 -5.08 25.57
CA ASP A 202 -6.17 -3.93 25.96
C ASP A 202 -4.70 -4.33 26.11
N LEU A 203 -4.44 -5.54 26.61
CA LEU A 203 -3.05 -6.00 26.68
C LEU A 203 -2.45 -6.17 25.29
N THR A 204 -3.27 -6.60 24.33
CA THR A 204 -2.83 -6.68 22.93
C THR A 204 -2.50 -5.29 22.39
N LYS A 205 -3.40 -4.34 22.61
CA LYS A 205 -3.14 -2.96 22.18
C LYS A 205 -1.85 -2.43 22.80
N PHE A 206 -1.61 -2.74 24.07
CA PHE A 206 -0.41 -2.26 24.75
C PHE A 206 0.84 -2.96 24.21
N GLN A 207 0.71 -4.23 23.83
CA GLN A 207 1.85 -4.95 23.26
C GLN A 207 2.22 -4.43 21.89
N THR A 208 1.21 -4.10 21.05
CA THR A 208 1.51 -3.55 19.73
C THR A 208 2.27 -2.23 19.84
N LYS A 209 1.83 -1.35 20.74
CA LYS A 209 2.51 -0.07 20.91
C LYS A 209 3.84 -0.23 21.65
N ARG A 210 3.89 -1.08 22.66
CA ARG A 210 4.94 -1.01 23.66
C ARG A 210 5.46 -2.41 23.94
N HIS A 211 6.79 -2.54 24.10
CA HIS A 211 7.46 -3.83 24.19
C HIS A 211 8.04 -4.09 25.59
N SER A 212 7.28 -3.76 26.64
CA SER A 212 7.76 -3.94 28.02
C SER A 212 6.72 -4.66 28.86
N MSE A 213 6.21 -5.78 28.35
CA MSE A 213 5.23 -6.56 29.08
C MSE A 213 5.50 -8.05 29.13
O MSE A 213 4.61 -8.84 29.47
CB MSE A 213 3.83 -6.31 28.52
CG MSE A 213 3.23 -5.00 28.96
SE MSE A 213 1.47 -4.70 28.21
CE MSE A 213 1.04 -3.08 29.21
N SER A 214 6.74 -8.45 28.80
CA SER A 214 7.12 -9.85 28.99
C SER A 214 7.03 -10.29 30.45
N GLN A 215 6.83 -9.36 31.37
CA GLN A 215 6.68 -9.64 32.79
C GLN A 215 5.24 -9.99 33.15
N ILE A 216 4.27 -9.28 32.58
CA ILE A 216 2.86 -9.52 32.91
C ILE A 216 2.27 -10.68 32.14
N HIS A 217 2.86 -11.07 31.00
CA HIS A 217 2.35 -12.23 30.28
C HIS A 217 2.44 -13.50 31.12
N GLU A 218 3.29 -13.52 32.14
CA GLU A 218 3.40 -14.68 33.00
C GLU A 218 2.33 -14.68 34.08
N VAL A 219 1.98 -13.53 34.64
CA VAL A 219 0.90 -13.50 35.63
C VAL A 219 -0.44 -13.68 34.93
N VAL A 220 -0.55 -13.28 33.66
CA VAL A 220 -1.75 -13.62 32.89
C VAL A 220 -1.78 -15.11 32.60
N HIS A 221 -0.62 -15.70 32.28
CA HIS A 221 -0.53 -17.13 32.04
C HIS A 221 -0.94 -17.95 33.25
N GLU A 222 -0.84 -17.38 34.45
CA GLU A 222 -0.77 -18.16 35.68
C GLU A 222 -1.99 -18.00 36.58
N HIS A 223 -2.91 -17.09 36.23
CA HIS A 223 -4.15 -16.95 36.99
C HIS A 223 -5.32 -16.70 36.06
N LEU A 224 -5.24 -15.65 35.24
CA LEU A 224 -6.34 -15.29 34.37
C LEU A 224 -6.57 -16.34 33.29
N TYR A 225 -5.49 -16.88 32.72
CA TYR A 225 -5.59 -17.91 31.70
C TYR A 225 -6.42 -19.10 32.16
N ILE A 226 -6.14 -19.61 33.36
CA ILE A 226 -6.79 -20.84 33.81
C ILE A 226 -8.29 -20.65 33.93
N SER A 227 -8.72 -19.61 34.65
CA SER A 227 -10.14 -19.37 34.82
C SER A 227 -10.82 -19.01 33.50
N THR A 228 -10.10 -18.32 32.60
CA THR A 228 -10.68 -17.99 31.31
C THR A 228 -10.94 -19.25 30.48
N MSE A 229 -9.97 -20.17 30.47
CA MSE A 229 -10.10 -21.40 29.71
C MSE A 229 -11.23 -22.24 30.32
O MSE A 229 -11.99 -22.86 29.59
CB MSE A 229 -8.78 -22.16 29.69
CG MSE A 229 -7.66 -21.39 29.02
SE MSE A 229 -7.90 -21.02 27.12
CE MSE A 229 -7.48 -22.80 26.44
N ALA A 230 -11.32 -22.22 31.64
CA ALA A 230 -12.42 -22.91 32.31
C ALA A 230 -13.77 -22.36 31.85
N LEU A 231 -13.92 -21.03 31.85
CA LEU A 231 -15.20 -20.44 31.48
C LEU A 231 -15.53 -20.67 30.01
N ILE A 232 -14.54 -20.50 29.13
CA ILE A 232 -14.76 -20.75 27.70
C ILE A 232 -15.15 -22.20 27.46
N ASN A 233 -14.44 -23.14 28.10
CA ASN A 233 -14.72 -24.55 27.88
C ASN A 233 -16.09 -24.92 28.42
N LEU A 234 -16.49 -24.33 29.54
CA LEU A 234 -17.84 -24.56 30.07
C LEU A 234 -18.89 -24.05 29.09
N ASN A 235 -18.66 -22.87 28.51
CA ASN A 235 -19.59 -22.36 27.51
C ASN A 235 -19.65 -23.27 26.29
N LEU A 236 -18.53 -23.88 25.92
CA LEU A 236 -18.50 -24.71 24.71
C LEU A 236 -19.10 -26.09 24.95
N THR A 237 -19.07 -26.59 26.18
CA THR A 237 -19.49 -27.96 26.45
C THR A 237 -20.86 -28.07 27.10
N ALA A 238 -21.33 -27.03 27.78
CA ALA A 238 -22.56 -27.12 28.57
C ALA A 238 -23.68 -26.38 27.85
N GLN A 239 -24.73 -27.12 27.50
CA GLN A 239 -25.96 -26.55 26.97
C GLN A 239 -26.62 -25.68 28.06
N ALA A 240 -27.39 -24.68 27.62
CA ALA A 240 -28.24 -23.92 28.54
C ALA A 240 -27.43 -22.85 29.24
N VAL A 241 -26.11 -22.90 29.12
CA VAL A 241 -25.25 -21.82 29.60
C VAL A 241 -24.46 -21.16 28.47
N PHE A 242 -24.37 -21.81 27.30
CA PHE A 242 -23.70 -21.23 26.15
C PHE A 242 -24.18 -19.82 25.86
N ASN A 243 -23.25 -18.95 25.48
CA ASN A 243 -23.52 -17.56 25.12
C ASN A 243 -22.59 -17.17 23.98
N PRO A 244 -23.13 -16.72 22.84
CA PRO A 244 -22.27 -16.44 21.67
C PRO A 244 -21.13 -15.46 21.93
N THR A 245 -21.22 -14.66 23.00
CA THR A 245 -20.11 -13.76 23.33
C THR A 245 -18.80 -14.52 23.47
N VAL A 246 -18.86 -15.79 23.88
CA VAL A 246 -17.65 -16.60 24.04
C VAL A 246 -16.82 -16.57 22.75
N PHE A 247 -17.48 -16.55 21.59
CA PHE A 247 -16.76 -16.48 20.33
C PHE A 247 -15.91 -15.23 20.25
N ASP A 248 -16.55 -14.06 20.47
CA ASP A 248 -15.80 -12.81 20.52
C ASP A 248 -14.68 -12.88 21.56
N CYS A 249 -14.90 -13.67 22.62
CA CYS A 249 -13.85 -13.84 23.62
C CYS A 249 -12.71 -14.69 23.07
N ILE A 250 -13.05 -15.82 22.44
CA ILE A 250 -12.02 -16.78 21.99
C ILE A 250 -11.04 -16.10 21.04
N THR A 251 -11.55 -15.50 19.96
CA THR A 251 -10.70 -14.76 19.04
C THR A 251 -9.76 -13.82 19.77
N ALA A 252 -10.30 -13.07 20.75
CA ALA A 252 -9.45 -12.19 21.55
C ALA A 252 -8.26 -12.96 22.10
N TRP A 253 -8.54 -13.99 22.90
CA TRP A 253 -7.46 -14.78 23.48
C TRP A 253 -6.60 -15.45 22.43
N ILE A 254 -7.12 -15.69 21.23
CA ILE A 254 -6.25 -16.20 20.18
C ILE A 254 -5.28 -15.11 19.74
N ASN A 255 -5.82 -13.92 19.42
CA ASN A 255 -4.96 -12.83 18.94
C ASN A 255 -3.93 -12.45 19.99
N TYR A 256 -4.32 -12.49 21.27
CA TYR A 256 -3.38 -12.22 22.35
C TYR A 256 -2.29 -13.28 22.40
N ILE A 257 -2.65 -14.56 22.22
CA ILE A 257 -1.64 -15.61 22.31
C ILE A 257 -0.74 -15.61 21.09
N SER A 258 -1.27 -15.19 19.93
CA SER A 258 -0.46 -15.18 18.72
C SER A 258 0.65 -14.15 18.79
N LEU A 259 0.42 -13.00 19.43
CA LEU A 259 1.44 -11.96 19.49
C LEU A 259 2.53 -12.24 20.52
N THR A 260 2.18 -12.91 21.62
CA THR A 260 3.18 -13.26 22.62
C THR A 260 4.27 -14.10 21.96
N ARG A 261 3.94 -15.35 21.62
CA ARG A 261 4.79 -16.17 20.78
C ARG A 261 3.91 -17.04 19.90
N SER A 262 4.36 -17.26 18.67
CA SER A 262 3.59 -18.04 17.70
C SER A 262 3.59 -19.52 18.06
N GLY A 267 6.28 -18.82 28.45
CA GLY A 267 5.28 -19.86 28.63
C GLY A 267 4.42 -20.11 27.42
N ARG A 268 3.89 -21.32 27.31
CA ARG A 268 3.06 -21.74 26.19
C ARG A 268 1.61 -21.86 26.66
N MSE A 269 0.73 -21.05 26.07
CA MSE A 269 -0.71 -21.13 26.32
C MSE A 269 -1.35 -21.98 25.23
O MSE A 269 -1.08 -21.79 24.04
CB MSE A 269 -1.31 -19.72 26.40
CG MSE A 269 -0.80 -18.97 27.64
SE MSE A 269 -1.02 -17.03 27.80
CE MSE A 269 -2.89 -16.88 28.24
N ASP A 270 -2.19 -22.93 25.63
CA ASP A 270 -2.50 -24.10 24.81
C ASP A 270 -3.50 -23.81 23.68
N LEU A 271 -4.79 -23.78 24.02
CA LEU A 271 -5.95 -23.60 23.12
C LEU A 271 -6.33 -24.87 22.36
N SER A 272 -5.62 -25.99 22.56
CA SER A 272 -5.90 -27.18 21.76
C SER A 272 -7.26 -27.77 22.10
N GLU A 273 -7.62 -27.81 23.38
CA GLU A 273 -8.92 -28.37 23.74
C GLU A 273 -10.05 -27.44 23.31
N ILE A 274 -9.82 -26.12 23.37
CA ILE A 274 -10.81 -25.18 22.87
C ILE A 274 -11.02 -25.39 21.38
N PHE A 275 -9.94 -25.62 20.64
CA PHE A 275 -10.07 -25.91 19.21
C PHE A 275 -10.85 -27.19 18.98
N GLN A 276 -10.58 -28.23 19.79
CA GLN A 276 -11.32 -29.49 19.67
C GLN A 276 -12.82 -29.27 19.88
N ASN A 277 -13.17 -28.57 20.96
CA ASN A 277 -14.58 -28.37 21.25
C ASN A 277 -15.23 -27.42 20.25
N LEU A 278 -14.47 -26.49 19.66
CA LEU A 278 -15.01 -25.66 18.59
C LEU A 278 -15.31 -26.51 17.36
N ILE A 279 -14.42 -27.43 17.01
CA ILE A 279 -14.70 -28.36 15.92
C ILE A 279 -15.98 -29.13 16.19
N ASP A 280 -16.09 -29.69 17.41
CA ASP A 280 -17.27 -30.50 17.74
C ASP A 280 -18.54 -29.67 17.72
N LEU A 281 -18.47 -28.42 18.21
CA LEU A 281 -19.67 -27.57 18.25
C LEU A 281 -20.07 -27.11 16.85
N MSE A 282 -19.08 -26.83 16.01
CA MSE A 282 -19.33 -26.53 14.60
C MSE A 282 -20.05 -27.66 13.91
O MSE A 282 -21.08 -27.46 13.28
CB MSE A 282 -18.01 -26.25 13.88
CG MSE A 282 -18.14 -26.12 12.38
SE MSE A 282 -16.44 -25.85 11.49
CE MSE A 282 -15.71 -27.65 11.70
N TYR A 283 -19.50 -28.88 14.03
CA TYR A 283 -20.09 -30.01 13.34
C TYR A 283 -21.44 -30.42 13.92
N GLN A 284 -21.80 -29.93 15.10
CA GLN A 284 -23.18 -30.08 15.57
C GLN A 284 -24.11 -29.00 15.04
N SER A 285 -23.57 -27.96 14.41
CA SER A 285 -24.37 -26.88 13.86
C SER A 285 -24.81 -27.26 12.45
N THR A 286 -26.13 -27.35 12.24
CA THR A 286 -26.68 -27.63 10.92
C THR A 286 -27.78 -26.64 10.60
N GLU A 287 -28.48 -26.85 9.48
CA GLU A 287 -29.59 -25.96 9.14
C GLU A 287 -30.75 -26.14 10.11
N GLY A 288 -31.01 -27.38 10.54
CA GLY A 288 -32.10 -27.62 11.46
C GLY A 288 -31.78 -27.33 12.91
N SER A 289 -30.50 -27.42 13.28
CA SER A 289 -30.11 -27.18 14.67
C SER A 289 -30.13 -25.69 15.00
N ASP A 290 -29.37 -24.88 14.25
CA ASP A 290 -29.37 -23.44 14.51
C ASP A 290 -29.15 -22.60 13.25
N GLY A 291 -29.36 -23.15 12.05
CA GLY A 291 -29.14 -22.38 10.84
C GLY A 291 -27.69 -22.05 10.55
N TYR A 292 -26.76 -22.89 11.01
CA TYR A 292 -25.33 -22.74 10.75
C TYR A 292 -24.75 -21.43 11.30
N GLU A 293 -25.40 -20.84 12.31
CA GLU A 293 -24.85 -19.65 12.95
C GLU A 293 -23.52 -19.96 13.63
N ASN A 294 -23.53 -20.94 14.54
CA ASN A 294 -22.28 -21.37 15.17
C ASN A 294 -21.29 -21.85 14.13
N ALA A 295 -21.79 -22.45 13.04
CA ALA A 295 -20.91 -22.86 11.95
C ALA A 295 -20.11 -21.68 11.41
N GLU A 296 -20.80 -20.59 11.03
CA GLU A 296 -20.06 -19.47 10.46
C GLU A 296 -19.20 -18.76 11.51
N LYS A 297 -19.64 -18.71 12.76
CA LYS A 297 -18.83 -18.09 13.80
C LYS A 297 -17.51 -18.83 13.99
N ILE A 298 -17.60 -20.15 14.19
CA ILE A 298 -16.41 -20.97 14.39
C ILE A 298 -15.57 -21.01 13.12
N LEU A 299 -16.18 -20.85 11.95
CA LEU A 299 -15.39 -20.77 10.72
C LEU A 299 -14.63 -19.45 10.64
N THR A 300 -15.23 -18.35 11.11
CA THR A 300 -14.46 -17.10 11.20
C THR A 300 -13.28 -17.26 12.14
N ILE A 301 -13.51 -17.91 13.28
CA ILE A 301 -12.43 -18.13 14.24
C ILE A 301 -11.30 -18.95 13.60
N PHE A 302 -11.67 -20.08 12.99
CA PHE A 302 -10.67 -20.94 12.37
C PHE A 302 -9.98 -20.25 11.20
N GLY A 303 -10.67 -19.37 10.48
CA GLY A 303 -10.03 -18.65 9.39
C GLY A 303 -9.03 -17.64 9.91
N ASN A 304 -9.38 -16.93 10.98
CA ASN A 304 -8.39 -16.11 11.69
C ASN A 304 -7.15 -16.93 12.03
N VAL A 305 -7.36 -18.11 12.61
CA VAL A 305 -6.21 -18.92 13.02
C VAL A 305 -5.39 -19.36 11.81
N PHE A 306 -6.07 -19.78 10.74
CA PHE A 306 -5.37 -20.36 9.59
C PHE A 306 -4.63 -19.30 8.78
N ALA A 307 -5.16 -18.08 8.71
CA ALA A 307 -4.54 -17.04 7.91
C ALA A 307 -3.40 -16.32 8.64
N ASN A 308 -3.38 -16.35 9.97
CA ASN A 308 -2.48 -15.50 10.74
C ASN A 308 -1.51 -16.28 11.62
N ASP A 309 -1.94 -17.40 12.20
CA ASP A 309 -1.04 -18.17 13.04
C ASP A 309 -1.48 -19.63 13.03
N PRO A 310 -1.37 -20.32 11.89
CA PRO A 310 -2.01 -21.64 11.78
C PRO A 310 -1.35 -22.72 12.61
N LEU A 311 -0.06 -22.60 12.91
CA LEU A 311 0.60 -23.61 13.73
C LEU A 311 0.12 -23.59 15.18
N LEU A 312 -0.72 -22.62 15.54
CA LEU A 312 -1.33 -22.60 16.87
C LEU A 312 -2.27 -23.79 17.07
N MSE A 313 -2.78 -24.36 15.98
CA MSE A 313 -3.58 -25.59 16.04
C MSE A 313 -2.68 -26.79 15.72
O MSE A 313 -1.99 -26.78 14.70
CB MSE A 313 -4.76 -25.52 15.06
CG MSE A 313 -5.69 -26.72 15.13
SE MSE A 313 -7.18 -26.57 13.88
CE MSE A 313 -8.25 -25.26 14.85
N SER A 314 -2.70 -27.81 16.57
CA SER A 314 -1.79 -28.93 16.41
C SER A 314 -2.18 -29.79 15.21
N TYR A 315 -1.30 -30.75 14.89
CA TYR A 315 -1.45 -31.52 13.67
C TYR A 315 -2.69 -32.42 13.71
N ASP A 316 -2.99 -33.00 14.87
CA ASP A 316 -4.15 -33.88 14.96
C ASP A 316 -5.44 -33.13 14.71
N LEU A 317 -5.57 -31.94 15.30
CA LEU A 317 -6.77 -31.15 15.10
C LEU A 317 -6.83 -30.60 13.68
N ARG A 318 -5.68 -30.26 13.11
CA ARG A 318 -5.66 -29.81 11.71
C ARG A 318 -6.11 -30.95 10.79
N GLN A 319 -5.77 -32.20 11.13
CA GLN A 319 -6.17 -33.32 10.30
C GLN A 319 -7.65 -33.64 10.46
N GLN A 320 -8.21 -33.43 11.65
CA GLN A 320 -9.67 -33.49 11.78
C GLN A 320 -10.33 -32.44 10.89
N ILE A 321 -9.80 -31.21 10.92
CA ILE A 321 -10.28 -30.14 10.04
C ILE A 321 -10.17 -30.56 8.58
N GLU A 322 -9.05 -31.19 8.21
CA GLU A 322 -8.86 -31.62 6.83
C GLU A 322 -9.90 -32.64 6.43
N CYS A 323 -10.20 -33.60 7.30
CA CYS A 323 -11.23 -34.58 7.00
C CYS A 323 -12.59 -33.92 6.84
N ILE A 324 -12.88 -32.92 7.66
CA ILE A 324 -14.21 -32.29 7.60
C ILE A 324 -14.33 -31.42 6.34
N PHE A 325 -13.28 -30.67 6.00
CA PHE A 325 -13.37 -29.76 4.86
C PHE A 325 -13.48 -30.50 3.53
N LEU A 326 -12.91 -31.70 3.44
CA LEU A 326 -12.80 -32.39 2.17
C LEU A 326 -13.65 -33.65 2.08
N GLY A 327 -14.30 -34.05 3.15
CA GLY A 327 -15.15 -35.24 3.14
C GLY A 327 -14.36 -36.52 3.00
N ASN A 342 -23.82 -36.36 1.73
CA ASN A 342 -24.05 -36.75 3.13
C ASN A 342 -23.06 -36.08 4.07
N SER A 343 -21.87 -35.75 3.56
CA SER A 343 -20.86 -35.10 4.39
C SER A 343 -21.35 -33.73 4.85
N TRP A 344 -20.95 -33.36 6.06
CA TRP A 344 -21.37 -32.10 6.66
C TRP A 344 -21.07 -30.92 5.75
N MSE A 345 -19.80 -30.74 5.43
CA MSE A 345 -19.33 -29.61 4.65
C MSE A 345 -20.12 -29.38 3.37
O MSE A 345 -20.58 -28.27 3.10
CB MSE A 345 -17.85 -29.82 4.31
CG MSE A 345 -17.32 -28.75 3.42
SE MSE A 345 -17.40 -27.00 4.29
CE MSE A 345 -16.88 -26.03 2.73
N LEU A 346 -20.29 -30.45 2.59
CA LEU A 346 -21.09 -30.38 1.38
C LEU A 346 -22.49 -29.85 1.68
N GLN A 347 -23.15 -30.42 2.69
CA GLN A 347 -24.50 -29.97 3.05
C GLN A 347 -24.50 -28.49 3.45
N TYR A 348 -23.38 -27.97 3.94
CA TYR A 348 -23.30 -26.55 4.22
C TYR A 348 -23.19 -25.74 2.92
N MSE A 349 -22.35 -26.19 2.00
CA MSE A 349 -22.09 -25.44 0.77
C MSE A 349 -23.37 -25.29 -0.06
O MSE A 349 -23.69 -24.20 -0.52
CB MSE A 349 -21.00 -26.11 -0.05
CG MSE A 349 -19.70 -26.25 0.68
SE MSE A 349 -18.30 -27.12 -0.33
CE MSE A 349 -17.73 -25.64 -1.41
N ASN A 350 -24.09 -26.41 -0.23
CA ASN A 350 -25.39 -26.34 -0.88
C ASN A 350 -26.30 -25.36 -0.16
N TYR A 351 -26.34 -25.41 1.18
CA TYR A 351 -27.12 -24.45 1.93
C TYR A 351 -26.79 -23.02 1.54
N LEU A 352 -25.51 -22.75 1.23
CA LEU A 352 -25.12 -21.40 0.84
C LEU A 352 -25.50 -21.09 -0.60
N VAL A 353 -25.45 -22.08 -1.50
CA VAL A 353 -25.65 -21.77 -2.91
C VAL A 353 -27.12 -21.73 -3.29
N THR A 354 -27.97 -22.54 -2.65
CA THR A 354 -29.39 -22.50 -2.96
C THR A 354 -30.02 -21.23 -2.42
N ASN A 355 -29.57 -20.76 -1.26
CA ASN A 355 -30.04 -19.52 -0.67
C ASN A 355 -29.24 -18.31 -1.14
N ASP A 356 -28.28 -18.51 -2.05
CA ASP A 356 -27.52 -17.41 -2.66
C ASP A 356 -26.75 -16.61 -1.61
N PHE A 357 -26.22 -17.32 -0.61
CA PHE A 357 -25.38 -16.71 0.42
C PHE A 357 -23.93 -16.65 -0.05
N PHE A 358 -23.72 -15.88 -1.12
CA PHE A 358 -22.44 -15.94 -1.81
C PHE A 358 -21.32 -15.26 -1.01
N SER A 359 -21.65 -14.27 -0.18
CA SER A 359 -20.62 -13.65 0.65
C SER A 359 -20.11 -14.61 1.72
N GLU A 360 -21.03 -15.31 2.38
CA GLU A 360 -20.64 -16.33 3.34
C GLU A 360 -19.88 -17.46 2.67
N LEU A 361 -20.28 -17.82 1.44
CA LEU A 361 -19.56 -18.84 0.70
C LEU A 361 -18.15 -18.37 0.33
N LYS A 362 -18.00 -17.09 -0.01
CA LYS A 362 -16.70 -16.50 -0.26
C LYS A 362 -15.80 -16.61 0.96
N GLU A 363 -16.31 -16.26 2.12
CA GLU A 363 -15.45 -16.25 3.30
C GLU A 363 -15.13 -17.68 3.75
N LEU A 364 -16.07 -18.61 3.54
CA LEU A 364 -15.78 -20.04 3.63
C LEU A 364 -14.62 -20.44 2.73
N ALA A 365 -14.67 -20.01 1.46
CA ALA A 365 -13.61 -20.36 0.51
C ALA A 365 -12.27 -19.83 0.97
N ILE A 366 -12.25 -18.58 1.45
CA ILE A 366 -11.02 -18.01 1.97
C ILE A 366 -10.46 -18.86 3.11
N CYS A 367 -11.34 -19.26 4.03
CA CYS A 367 -10.90 -20.09 5.15
C CYS A 367 -10.32 -21.42 4.67
N ILE A 368 -11.01 -22.09 3.74
CA ILE A 368 -10.56 -23.39 3.29
C ILE A 368 -9.22 -23.30 2.58
N VAL A 369 -9.03 -22.24 1.78
CA VAL A 369 -7.77 -22.09 1.08
C VAL A 369 -6.65 -21.80 2.05
N ASP A 370 -6.90 -20.93 3.04
CA ASP A 370 -5.88 -20.67 4.05
C ASP A 370 -5.52 -21.94 4.82
N PHE A 371 -6.50 -22.82 5.05
CA PHE A 371 -6.19 -24.10 5.70
C PHE A 371 -5.33 -24.98 4.79
N LEU A 372 -5.79 -25.20 3.56
CA LEU A 372 -5.07 -26.07 2.63
C LEU A 372 -3.66 -25.57 2.38
N GLN A 373 -3.44 -24.28 2.50
CA GLN A 373 -2.16 -23.68 2.18
C GLN A 373 -1.15 -23.81 3.32
N ILE A 374 -1.50 -24.54 4.38
CA ILE A 374 -0.59 -24.77 5.50
C ILE A 374 0.44 -25.84 5.14
N ASN A 375 0.00 -26.95 4.56
CA ASN A 375 0.82 -28.13 4.33
C ASN A 375 1.17 -28.31 2.86
N THR A 376 1.40 -27.21 2.14
CA THR A 376 1.72 -27.31 0.72
C THR A 376 3.05 -28.03 0.51
N LEU A 377 4.03 -27.78 1.37
CA LEU A 377 5.33 -28.41 1.20
C LEU A 377 5.26 -29.91 1.43
N SER A 378 4.48 -30.34 2.43
CA SER A 378 4.34 -31.76 2.69
C SER A 378 3.49 -32.45 1.62
N VAL A 379 2.47 -31.75 1.09
CA VAL A 379 1.71 -32.32 -0.02
C VAL A 379 2.59 -32.47 -1.25
N CYS A 380 3.41 -31.44 -1.54
CA CYS A 380 4.36 -31.53 -2.65
C CYS A 380 5.33 -32.68 -2.44
N ASN A 381 5.76 -32.91 -1.19
CA ASN A 381 6.64 -34.02 -0.91
C ASN A 381 5.93 -35.36 -1.09
N LYS A 382 4.77 -35.52 -0.44
CA LYS A 382 4.06 -36.79 -0.50
C LYS A 382 3.53 -37.12 -1.89
N LEU A 383 3.57 -36.18 -2.83
CA LEU A 383 3.18 -36.43 -4.21
C LEU A 383 4.39 -36.81 -5.08
N PHE A 384 5.39 -35.94 -5.15
CA PHE A 384 6.36 -35.99 -6.22
C PHE A 384 7.71 -36.58 -5.82
N THR A 385 8.01 -36.62 -4.52
CA THR A 385 9.22 -37.29 -4.04
C THR A 385 8.84 -38.51 -3.22
N ASN A 386 9.83 -39.36 -2.97
CA ASN A 386 9.63 -40.62 -2.27
C ASN A 386 10.24 -40.64 -0.89
N ILE A 387 10.56 -39.47 -0.34
CA ILE A 387 11.15 -39.38 1.00
C ILE A 387 10.10 -38.89 2.00
N ASN A 392 2.90 -48.87 3.52
CA ASN A 392 2.10 -47.76 3.02
C ASN A 392 2.60 -47.36 1.64
N GLY A 393 2.82 -48.37 0.80
CA GLY A 393 3.41 -48.14 -0.51
C GLY A 393 2.53 -47.29 -1.42
N GLN A 394 1.23 -47.58 -1.44
CA GLN A 394 0.30 -46.80 -2.26
C GLN A 394 -1.06 -46.59 -1.62
N VAL A 395 -1.31 -47.08 -0.40
CA VAL A 395 -2.52 -46.65 0.31
C VAL A 395 -2.40 -45.24 0.88
N GLN A 396 -1.22 -44.61 0.77
CA GLN A 396 -1.13 -43.16 0.91
C GLN A 396 -1.10 -42.46 -0.44
N ASP A 397 -0.72 -43.17 -1.51
CA ASP A 397 -1.00 -42.72 -2.87
C ASP A 397 -2.51 -42.70 -3.13
N GLU A 398 -3.21 -43.76 -2.73
CA GLU A 398 -4.67 -43.77 -2.88
C GLU A 398 -5.31 -42.63 -2.12
N TYR A 399 -4.65 -42.14 -1.07
CA TYR A 399 -5.19 -41.01 -0.32
C TYR A 399 -4.83 -39.68 -0.96
N ILE A 400 -3.56 -39.49 -1.32
CA ILE A 400 -3.14 -38.15 -1.75
C ILE A 400 -3.53 -37.88 -3.19
N GLN A 401 -3.65 -38.90 -4.05
CA GLN A 401 -4.16 -38.63 -5.39
C GLN A 401 -5.64 -38.27 -5.34
N GLU A 402 -6.40 -38.90 -4.43
CA GLU A 402 -7.78 -38.46 -4.18
C GLU A 402 -7.81 -37.05 -3.61
N TYR A 403 -6.86 -36.73 -2.73
CA TYR A 403 -6.70 -35.37 -2.21
C TYR A 403 -6.56 -34.36 -3.34
N ILE A 404 -5.62 -34.62 -4.25
CA ILE A 404 -5.40 -33.72 -5.39
C ILE A 404 -6.63 -33.69 -6.29
N LYS A 405 -7.30 -34.83 -6.45
CA LYS A 405 -8.47 -34.86 -7.32
C LYS A 405 -9.60 -33.98 -6.76
N VAL A 406 -9.80 -34.01 -5.44
CA VAL A 406 -10.84 -33.17 -4.86
C VAL A 406 -10.40 -31.72 -4.71
N LEU A 407 -9.08 -31.44 -4.72
CA LEU A 407 -8.66 -30.05 -4.78
C LEU A 407 -8.87 -29.46 -6.17
N LEU A 408 -8.50 -30.21 -7.21
CA LEU A 408 -8.86 -29.81 -8.57
C LEU A 408 -10.37 -29.69 -8.73
N GLN A 409 -11.10 -30.63 -8.14
CA GLN A 409 -12.57 -30.63 -8.26
C GLN A 409 -13.18 -29.44 -7.55
N MSE A 410 -12.55 -28.96 -6.48
CA MSE A 410 -13.01 -27.79 -5.75
C MSE A 410 -12.65 -26.50 -6.49
O MSE A 410 -13.40 -25.53 -6.45
CB MSE A 410 -12.42 -27.77 -4.34
CG MSE A 410 -12.89 -26.63 -3.46
SE MSE A 410 -12.14 -26.79 -1.67
CE MSE A 410 -13.30 -28.20 -0.99
N THR A 411 -11.48 -26.52 -7.12
CA THR A 411 -11.06 -25.38 -7.93
C THR A 411 -12.02 -25.12 -9.08
N ASN A 412 -12.61 -26.18 -9.64
CA ASN A 412 -13.48 -26.05 -10.79
C ASN A 412 -14.91 -25.67 -10.42
N PHE A 413 -15.20 -25.57 -9.12
CA PHE A 413 -16.47 -25.28 -8.45
C PHE A 413 -17.56 -24.76 -9.38
N PRO A 414 -18.71 -25.43 -9.46
CA PRO A 414 -19.71 -25.14 -10.51
C PRO A 414 -20.54 -23.88 -10.22
N LEU A 415 -19.85 -22.74 -10.13
CA LEU A 415 -20.50 -21.44 -10.11
C LEU A 415 -19.59 -20.45 -10.81
N THR A 416 -20.17 -19.33 -11.25
CA THR A 416 -19.38 -18.32 -11.94
C THR A 416 -18.41 -17.66 -10.96
N PRO A 417 -17.17 -17.37 -11.40
CA PRO A 417 -16.19 -16.77 -10.49
C PRO A 417 -16.58 -15.36 -10.09
N VAL A 418 -15.91 -14.87 -9.04
CA VAL A 418 -16.10 -13.57 -8.39
C VAL A 418 -17.56 -13.16 -8.20
N LEU A 419 -18.43 -13.49 -9.16
CA LEU A 419 -19.84 -13.16 -9.01
C LEU A 419 -20.56 -14.10 -8.05
N GLN A 420 -20.04 -15.31 -7.84
CA GLN A 420 -20.70 -16.29 -6.99
C GLN A 420 -19.72 -17.03 -6.07
N GLU A 421 -18.57 -17.43 -6.60
CA GLU A 421 -17.61 -18.23 -5.83
C GLU A 421 -16.22 -17.66 -5.97
N PHE A 422 -15.44 -17.71 -4.86
CA PHE A 422 -14.02 -17.42 -4.94
C PHE A 422 -13.16 -18.66 -4.68
N PHE A 423 -13.74 -19.86 -4.80
CA PHE A 423 -12.94 -21.06 -4.62
C PHE A 423 -11.84 -21.14 -5.69
N SER A 424 -12.22 -20.98 -6.95
CA SER A 424 -11.22 -20.88 -8.01
C SER A 424 -10.33 -19.65 -7.84
N VAL A 425 -10.90 -18.56 -7.32
CA VAL A 425 -10.15 -17.31 -7.23
C VAL A 425 -9.11 -17.40 -6.12
N ARG A 426 -9.53 -17.77 -4.91
CA ARG A 426 -8.67 -17.68 -3.73
C ARG A 426 -7.53 -18.68 -3.73
N MSE A 427 -7.65 -19.81 -4.42
CA MSE A 427 -6.52 -20.73 -4.40
C MSE A 427 -5.83 -20.91 -5.75
O MSE A 427 -5.35 -21.98 -6.07
CB MSE A 427 -6.95 -22.09 -3.82
CG MSE A 427 -7.95 -22.90 -4.60
SE MSE A 427 -8.24 -24.52 -3.55
CE MSE A 427 -6.57 -25.43 -3.93
N VAL A 428 -5.78 -19.82 -6.51
CA VAL A 428 -4.68 -19.67 -7.46
C VAL A 428 -3.38 -19.60 -6.67
N ASP A 429 -3.45 -19.09 -5.43
CA ASP A 429 -2.26 -18.97 -4.60
C ASP A 429 -1.80 -20.34 -4.11
N PHE A 430 -2.74 -21.23 -3.80
CA PHE A 430 -2.37 -22.59 -3.43
C PHE A 430 -1.59 -23.28 -4.55
N TRP A 431 -2.14 -23.25 -5.76
CA TRP A 431 -1.48 -23.93 -6.87
C TRP A 431 -0.16 -23.25 -7.23
N LEU A 432 -0.11 -21.92 -7.09
CA LEU A 432 1.15 -21.20 -7.27
C LEU A 432 2.21 -21.69 -6.30
N ASP A 433 1.85 -21.80 -5.01
CA ASP A 433 2.80 -22.27 -4.01
C ASP A 433 3.20 -23.73 -4.28
N LEU A 434 2.25 -24.54 -4.74
CA LEU A 434 2.56 -25.94 -4.99
C LEU A 434 3.50 -26.10 -6.18
N SER A 435 3.31 -25.30 -7.23
CA SER A 435 4.21 -25.36 -8.38
C SER A 435 5.59 -24.82 -8.02
N ASP A 436 5.65 -23.77 -7.19
CA ASP A 436 6.94 -23.28 -6.72
C ASP A 436 7.64 -24.31 -5.86
N ALA A 437 6.87 -25.06 -5.05
CA ALA A 437 7.46 -26.12 -4.25
C ALA A 437 8.00 -27.23 -5.13
N TYR A 438 7.23 -27.63 -6.15
CA TYR A 438 7.68 -28.67 -7.07
C TYR A 438 8.96 -28.27 -7.79
N THR A 439 8.98 -27.06 -8.35
CA THR A 439 10.15 -26.61 -9.10
C THR A 439 11.39 -26.48 -8.22
N ASN A 440 11.22 -26.28 -6.91
CA ASN A 440 12.33 -26.08 -6.00
C ASN A 440 12.75 -27.36 -5.29
N LEU A 441 12.23 -28.51 -5.72
CA LEU A 441 12.61 -29.79 -5.13
C LEU A 441 14.02 -30.19 -5.56
N ALA A 442 14.67 -30.99 -4.73
CA ALA A 442 16.01 -31.47 -5.06
C ALA A 442 15.94 -32.47 -6.21
N SER A 443 16.80 -32.28 -7.21
CA SER A 443 16.69 -33.06 -8.45
C SER A 443 16.89 -34.55 -8.24
N GLU A 444 17.49 -34.96 -7.11
CA GLU A 444 17.83 -36.35 -6.87
C GLU A 444 16.83 -37.09 -6.01
N THR A 445 15.68 -36.47 -5.71
CA THR A 445 14.70 -37.10 -4.83
C THR A 445 13.33 -37.30 -5.48
N LEU A 446 13.14 -36.84 -6.72
CA LEU A 446 11.84 -36.97 -7.36
C LEU A 446 11.53 -38.42 -7.68
N ARG A 447 10.24 -38.77 -7.65
CA ARG A 447 9.81 -40.08 -8.11
C ARG A 447 10.04 -40.22 -9.61
N PRO A 448 10.06 -41.45 -10.12
CA PRO A 448 10.23 -41.60 -11.58
C PRO A 448 9.06 -41.06 -12.39
N ASN A 449 7.87 -40.99 -11.81
CA ASN A 449 6.69 -40.48 -12.50
C ASN A 449 6.38 -39.03 -12.14
N SER A 450 7.35 -38.32 -11.56
CA SER A 450 7.11 -36.95 -11.10
C SER A 450 6.77 -36.03 -12.25
N ILE A 451 7.58 -36.05 -13.31
CA ILE A 451 7.34 -35.18 -14.46
C ILE A 451 5.96 -35.43 -15.04
N GLU A 452 5.61 -36.72 -15.23
CA GLU A 452 4.35 -37.06 -15.87
C GLU A 452 3.15 -36.68 -15.02
N LEU A 453 3.20 -36.99 -13.72
CA LEU A 453 2.07 -36.67 -12.85
C LEU A 453 1.92 -35.16 -12.68
N SER A 454 3.03 -34.44 -12.50
CA SER A 454 2.97 -32.99 -12.41
C SER A 454 2.40 -32.39 -13.68
N THR A 455 2.79 -32.92 -14.85
CA THR A 455 2.25 -32.42 -16.10
C THR A 455 0.74 -32.64 -16.16
N GLN A 456 0.29 -33.86 -15.84
CA GLN A 456 -1.14 -34.14 -15.83
C GLN A 456 -1.89 -33.16 -14.92
N ILE A 457 -1.42 -33.00 -13.68
CA ILE A 457 -2.10 -32.14 -12.72
C ILE A 457 -2.14 -30.70 -13.20
N PHE A 458 -0.96 -30.11 -13.43
CA PHE A 458 -0.88 -28.69 -13.74
C PHE A 458 -1.36 -28.38 -15.15
N GLN A 459 -1.67 -29.39 -15.96
CA GLN A 459 -2.28 -29.13 -17.26
C GLN A 459 -3.80 -29.19 -17.17
N GLN A 460 -4.34 -30.15 -16.42
CA GLN A 460 -5.76 -30.05 -16.08
C GLN A 460 -6.06 -28.77 -15.33
N LEU A 461 -5.06 -28.22 -14.64
CA LEU A 461 -5.25 -26.96 -13.92
C LEU A 461 -5.54 -25.81 -14.88
N ILE A 462 -4.77 -25.70 -15.97
CA ILE A 462 -5.06 -24.64 -16.94
C ILE A 462 -6.35 -24.94 -17.68
N ASN A 463 -6.63 -26.23 -17.94
CA ASN A 463 -7.93 -26.58 -18.51
C ASN A 463 -9.07 -26.06 -17.66
N ILE A 464 -8.90 -26.09 -16.34
CA ILE A 464 -9.90 -25.53 -15.44
C ILE A 464 -9.95 -24.01 -15.55
N TYR A 465 -8.79 -23.35 -15.44
CA TYR A 465 -8.81 -21.90 -15.25
C TYR A 465 -9.14 -21.12 -16.52
N LEU A 466 -8.85 -21.64 -17.71
CA LEU A 466 -9.13 -20.87 -18.92
C LEU A 466 -10.60 -20.46 -19.04
N PRO A 467 -11.60 -21.33 -18.86
CA PRO A 467 -12.98 -20.83 -18.89
C PRO A 467 -13.32 -19.90 -17.73
N LYS A 468 -12.62 -20.01 -16.60
CA LYS A 468 -12.92 -19.17 -15.44
C LYS A 468 -12.63 -17.69 -15.73
N ILE A 469 -11.58 -17.42 -16.48
CA ILE A 469 -11.16 -16.04 -16.76
C ILE A 469 -11.69 -15.55 -18.12
N SER A 470 -12.67 -16.25 -18.69
CA SER A 470 -13.28 -15.79 -19.92
C SER A 470 -13.91 -14.42 -19.73
N LEU A 471 -13.81 -13.58 -20.76
CA LEU A 471 -14.47 -12.28 -20.70
C LEU A 471 -15.99 -12.41 -20.66
N SER A 472 -16.54 -13.59 -20.96
CA SER A 472 -17.97 -13.81 -20.74
C SER A 472 -18.31 -13.66 -19.26
N VAL A 473 -17.40 -14.07 -18.37
CA VAL A 473 -17.62 -13.90 -16.94
C VAL A 473 -17.73 -12.42 -16.60
N LYS A 474 -16.79 -11.61 -17.09
CA LYS A 474 -16.83 -10.17 -16.84
C LYS A 474 -18.09 -9.54 -17.45
N GLN A 475 -18.48 -10.01 -18.64
CA GLN A 475 -19.72 -9.57 -19.26
C GLN A 475 -20.90 -9.79 -18.32
N ARG A 476 -21.00 -11.00 -17.76
CA ARG A 476 -22.11 -11.29 -16.85
C ARG A 476 -22.01 -10.45 -15.58
N ILE A 477 -20.79 -10.22 -15.09
CA ILE A 477 -20.60 -9.40 -13.89
C ILE A 477 -21.17 -8.01 -14.08
N ILE A 478 -20.82 -7.36 -15.19
CA ILE A 478 -21.35 -6.03 -15.43
C ILE A 478 -22.80 -6.05 -15.88
N GLU A 479 -23.29 -7.18 -16.41
CA GLU A 479 -24.71 -7.29 -16.70
C GLU A 479 -25.55 -7.36 -15.43
N GLU A 480 -25.02 -7.97 -14.37
CA GLU A 480 -25.78 -8.12 -13.13
C GLU A 480 -25.38 -7.14 -12.05
N GLU A 481 -24.22 -6.49 -12.17
CA GLU A 481 -23.78 -5.53 -11.17
C GLU A 481 -23.25 -4.23 -11.74
N GLY A 482 -23.02 -4.13 -13.04
CA GLY A 482 -22.40 -2.95 -13.59
C GLY A 482 -20.94 -2.85 -13.20
N GLU A 483 -20.35 -1.70 -13.50
CA GLU A 483 -18.96 -1.44 -13.16
C GLU A 483 -18.76 -1.31 -11.66
N SER A 484 -18.94 -2.41 -10.94
CA SER A 484 -18.76 -2.43 -9.49
C SER A 484 -17.31 -2.76 -9.18
N THR A 485 -17.02 -3.11 -7.92
CA THR A 485 -15.69 -3.58 -7.54
C THR A 485 -15.47 -5.04 -7.90
N SER A 486 -16.54 -5.75 -8.28
CA SER A 486 -16.39 -7.12 -8.73
C SER A 486 -15.55 -7.21 -10.00
N VAL A 487 -15.57 -6.16 -10.83
CA VAL A 487 -14.76 -6.20 -12.05
C VAL A 487 -13.29 -5.95 -11.72
N ASN A 488 -13.01 -5.11 -10.71
CA ASN A 488 -11.64 -4.98 -10.23
C ASN A 488 -11.13 -6.29 -9.68
N GLU A 489 -11.99 -7.00 -8.93
CA GLU A 489 -11.60 -8.32 -8.43
C GLU A 489 -11.43 -9.32 -9.57
N PHE A 490 -12.22 -9.19 -10.64
CA PHE A 490 -12.05 -10.06 -11.80
C PHE A 490 -10.73 -9.81 -12.52
N GLU A 491 -10.35 -8.54 -12.65
CA GLU A 491 -9.05 -8.20 -13.24
C GLU A 491 -7.92 -8.75 -12.38
N ASP A 492 -8.04 -8.58 -11.06
CA ASP A 492 -7.06 -9.19 -10.15
C ASP A 492 -7.00 -10.70 -10.36
N PHE A 493 -8.15 -11.32 -10.60
CA PHE A 493 -8.20 -12.77 -10.78
C PHE A 493 -7.50 -13.20 -12.08
N ARG A 494 -7.74 -12.48 -13.18
CA ARG A 494 -7.04 -12.81 -14.42
C ARG A 494 -5.54 -12.60 -14.28
N ASN A 495 -5.13 -11.55 -13.57
CA ASN A 495 -3.70 -11.32 -13.38
C ASN A 495 -3.07 -12.41 -12.52
N ALA A 496 -3.79 -12.86 -11.49
CA ALA A 496 -3.31 -13.98 -10.68
C ALA A 496 -3.18 -15.24 -11.51
N VAL A 497 -4.16 -15.51 -12.38
CA VAL A 497 -4.08 -16.70 -13.24
C VAL A 497 -2.94 -16.58 -14.22
N SER A 498 -2.65 -15.37 -14.69
CA SER A 498 -1.55 -15.18 -15.62
C SER A 498 -0.21 -15.42 -14.93
N ASP A 499 -0.05 -14.93 -13.69
CA ASP A 499 1.14 -15.27 -12.91
C ASP A 499 1.23 -16.76 -12.68
N LEU A 500 0.10 -17.43 -12.45
CA LEU A 500 0.10 -18.88 -12.28
C LEU A 500 0.60 -19.57 -13.55
N ALA A 501 0.17 -19.10 -14.72
CA ALA A 501 0.61 -19.71 -15.96
C ALA A 501 2.10 -19.49 -16.20
N GLN A 502 2.60 -18.29 -15.89
CA GLN A 502 4.04 -18.06 -15.95
C GLN A 502 4.77 -19.04 -15.04
N SER A 503 4.26 -19.26 -13.83
CA SER A 503 4.90 -20.20 -12.93
C SER A 503 4.86 -21.63 -13.48
N LEU A 504 3.73 -22.00 -14.09
CA LEU A 504 3.56 -23.35 -14.60
C LEU A 504 4.40 -23.63 -15.83
N TRP A 505 4.82 -22.59 -16.56
CA TRP A 505 5.67 -22.82 -17.73
C TRP A 505 6.90 -23.63 -17.38
N SER A 506 7.50 -23.37 -16.21
CA SER A 506 8.72 -24.09 -15.82
C SER A 506 8.47 -25.57 -15.58
N ILE A 507 7.21 -25.97 -15.34
CA ILE A 507 6.86 -27.37 -15.21
C ILE A 507 6.39 -27.96 -16.53
N LEU A 508 5.50 -27.25 -17.22
CA LEU A 508 4.89 -27.76 -18.43
C LEU A 508 5.73 -27.50 -19.68
N GLY A 509 6.53 -26.44 -19.68
CA GLY A 509 7.32 -26.11 -20.85
C GLY A 509 6.42 -25.68 -22.01
N ASN A 510 7.06 -25.55 -23.17
CA ASN A 510 6.31 -25.19 -24.37
C ASN A 510 5.51 -26.38 -24.90
N ASP A 511 6.02 -27.60 -24.75
CA ASP A 511 5.36 -28.76 -25.32
C ASP A 511 3.97 -28.97 -24.73
N ASN A 512 3.80 -28.70 -23.44
CA ASN A 512 2.56 -29.01 -22.74
C ASN A 512 1.82 -27.76 -22.28
N LEU A 513 2.09 -26.60 -22.89
CA LEU A 513 1.43 -25.36 -22.53
C LEU A 513 1.44 -24.38 -23.69
N THR A 514 2.60 -23.82 -24.01
CA THR A 514 2.67 -22.76 -25.00
C THR A 514 2.33 -23.27 -26.38
N ASN A 515 2.91 -24.42 -26.77
CA ASN A 515 2.60 -25.01 -28.06
C ASN A 515 1.13 -25.40 -28.14
N VAL A 516 0.56 -25.86 -27.02
CA VAL A 516 -0.86 -26.19 -26.99
C VAL A 516 -1.69 -24.96 -27.31
N LEU A 517 -1.35 -23.84 -26.67
CA LEU A 517 -2.09 -22.60 -26.93
C LEU A 517 -1.91 -22.12 -28.36
N ILE A 518 -0.69 -22.20 -28.90
CA ILE A 518 -0.46 -21.72 -30.26
C ILE A 518 -1.05 -22.68 -31.28
N ASP A 519 -0.86 -23.99 -31.09
CA ASP A 519 -1.41 -24.96 -32.04
C ASP A 519 -2.92 -24.88 -32.10
N GLY A 520 -3.58 -24.90 -30.94
CA GLY A 520 -5.04 -24.82 -30.90
C GLY A 520 -5.59 -23.53 -31.47
N MSE A 521 -4.74 -22.56 -31.71
CA MSE A 521 -5.15 -21.23 -32.14
C MSE A 521 -4.73 -20.97 -33.59
O MSE A 521 -5.23 -20.05 -34.25
CB MSE A 521 -4.54 -20.21 -31.19
CG MSE A 521 -4.69 -18.76 -31.56
SE MSE A 521 -3.92 -17.72 -30.11
CE MSE A 521 -3.73 -16.04 -31.08
N GLY A 522 -3.82 -21.80 -34.08
CA GLY A 522 -3.21 -21.56 -35.38
C GLY A 522 -3.44 -22.62 -36.44
N GLN A 523 -4.30 -23.61 -36.15
CA GLN A 523 -4.61 -24.63 -37.14
C GLN A 523 -5.97 -24.44 -37.80
N MSE A 524 -6.81 -23.57 -37.27
CA MSE A 524 -8.10 -23.31 -37.89
C MSE A 524 -8.41 -21.82 -37.94
O MSE A 524 -8.05 -21.06 -37.03
CB MSE A 524 -9.23 -24.04 -37.15
CG MSE A 524 -9.14 -25.56 -37.23
SE MSE A 524 -10.75 -26.40 -36.53
CE MSE A 524 -10.51 -26.01 -34.63
N PRO A 525 -9.07 -21.38 -39.01
CA PRO A 525 -9.43 -19.95 -39.13
C PRO A 525 -10.58 -19.60 -38.20
N ALA A 526 -10.30 -18.69 -37.25
CA ALA A 526 -11.36 -18.20 -36.38
C ALA A 526 -12.40 -17.39 -37.14
N ALA A 527 -12.02 -16.81 -38.28
CA ALA A 527 -12.93 -16.08 -39.16
C ALA A 527 -12.42 -16.28 -40.58
N SER A 528 -12.80 -17.41 -41.19
CA SER A 528 -12.34 -17.72 -42.54
C SER A 528 -12.84 -16.70 -43.55
N ASP A 529 -13.96 -16.05 -43.27
CA ASP A 529 -14.41 -14.95 -44.10
C ASP A 529 -13.32 -13.89 -44.18
N GLU A 530 -13.05 -13.40 -45.41
CA GLU A 530 -11.96 -12.46 -45.59
C GLU A 530 -12.24 -11.10 -44.98
N THR A 531 -13.43 -10.90 -44.39
CA THR A 531 -13.64 -9.74 -43.54
C THR A 531 -12.75 -9.80 -42.29
N LEU A 532 -12.42 -11.02 -41.86
CA LEU A 532 -11.58 -11.25 -40.68
C LEU A 532 -12.26 -10.78 -39.40
N ILE A 533 -13.59 -10.79 -39.38
CA ILE A 533 -14.37 -10.56 -38.17
C ILE A 533 -14.83 -11.92 -37.64
N ILE A 534 -14.38 -12.27 -36.44
CA ILE A 534 -14.79 -13.49 -35.77
C ILE A 534 -16.28 -13.39 -35.46
N LYS A 535 -17.08 -14.21 -36.12
CA LYS A 535 -18.53 -14.03 -36.14
C LYS A 535 -19.22 -14.64 -34.93
N ASP A 536 -18.58 -15.59 -34.25
CA ASP A 536 -19.21 -16.33 -33.16
C ASP A 536 -18.63 -15.87 -31.83
N THR A 537 -19.51 -15.46 -30.92
CA THR A 537 -19.08 -14.87 -29.66
C THR A 537 -18.26 -15.86 -28.83
N ASP A 538 -18.64 -17.14 -28.87
CA ASP A 538 -17.98 -18.13 -28.02
C ASP A 538 -16.55 -18.36 -28.46
N VAL A 539 -16.33 -18.58 -29.76
CA VAL A 539 -14.97 -18.72 -30.27
C VAL A 539 -14.20 -17.43 -30.05
N LEU A 540 -14.89 -16.28 -30.10
CA LEU A 540 -14.22 -15.00 -29.81
C LEU A 540 -13.68 -14.98 -28.38
N PHE A 541 -14.52 -15.27 -27.40
CA PHE A 541 -14.07 -15.28 -26.00
C PHE A 541 -12.96 -16.30 -25.78
N ARG A 542 -13.12 -17.50 -26.34
CA ARG A 542 -12.12 -18.54 -26.18
C ARG A 542 -10.76 -18.10 -26.72
N ILE A 543 -10.74 -17.62 -27.96
CA ILE A 543 -9.47 -17.22 -28.56
C ILE A 543 -8.89 -16.01 -27.84
N GLU A 544 -9.74 -15.14 -27.29
CA GLU A 544 -9.20 -14.01 -26.53
C GLU A 544 -8.52 -14.46 -25.26
N THR A 545 -9.13 -15.38 -24.51
CA THR A 545 -8.48 -15.87 -23.29
C THR A 545 -7.17 -16.57 -23.63
N MSE A 546 -7.16 -17.31 -24.73
CA MSE A 546 -5.93 -17.97 -25.17
C MSE A 546 -4.85 -16.93 -25.53
O MSE A 546 -3.69 -17.13 -25.18
CB MSE A 546 -6.23 -18.87 -26.37
CG MSE A 546 -7.12 -20.05 -26.03
SE MSE A 546 -7.59 -21.10 -27.59
CE MSE A 546 -5.87 -21.97 -27.89
N CYS A 547 -5.25 -15.85 -26.20
CA CYS A 547 -4.32 -14.76 -26.48
C CYS A 547 -3.78 -14.16 -25.18
N PHE A 548 -4.65 -13.98 -24.20
CA PHE A 548 -4.25 -13.41 -22.91
C PHE A 548 -3.15 -14.26 -22.26
N VAL A 549 -3.41 -15.56 -22.10
CA VAL A 549 -2.44 -16.42 -21.43
C VAL A 549 -1.18 -16.59 -22.29
N LEU A 550 -1.33 -16.61 -23.62
CA LEU A 550 -0.17 -16.70 -24.49
C LEU A 550 0.72 -15.48 -24.35
N ASN A 551 0.12 -14.29 -24.35
CA ASN A 551 0.85 -13.06 -24.04
C ASN A 551 1.62 -13.20 -22.74
N THR A 552 0.92 -13.60 -21.67
CA THR A 552 1.57 -13.70 -20.37
C THR A 552 2.77 -14.65 -20.43
N ILE A 553 2.65 -15.75 -21.17
CA ILE A 553 3.77 -16.68 -21.27
C ILE A 553 4.90 -16.06 -22.09
N LEU A 554 4.57 -15.28 -23.12
CA LEU A 554 5.57 -14.78 -24.06
C LEU A 554 6.40 -13.62 -23.52
N VAL A 555 5.91 -12.87 -22.53
CA VAL A 555 6.66 -11.71 -22.05
C VAL A 555 7.89 -12.13 -21.26
N ASP A 556 7.82 -13.24 -20.53
CA ASP A 556 9.01 -13.74 -19.83
C ASP A 556 10.13 -14.13 -20.78
N MSE A 557 9.87 -14.12 -22.09
CA MSE A 557 10.82 -14.56 -23.08
C MSE A 557 11.45 -13.41 -23.87
O MSE A 557 10.82 -12.38 -24.11
CB MSE A 557 10.15 -15.53 -24.05
CG MSE A 557 9.95 -16.92 -23.49
SE MSE A 557 9.06 -18.14 -24.72
CE MSE A 557 7.21 -17.84 -24.26
N THR A 558 12.70 -13.61 -24.27
CA THR A 558 13.37 -12.76 -25.25
C THR A 558 13.39 -13.57 -26.55
N LEU A 559 12.45 -13.26 -27.43
CA LEU A 559 12.19 -14.08 -28.61
C LEU A 559 13.31 -13.99 -29.63
N SER A 560 14.56 -13.90 -29.16
CA SER A 560 15.74 -13.95 -30.00
C SER A 560 16.72 -15.03 -29.59
N GLU A 561 16.62 -15.57 -28.38
CA GLU A 561 17.53 -16.62 -27.95
C GLU A 561 17.21 -17.97 -28.57
N SER A 562 16.01 -18.12 -29.12
CA SER A 562 15.56 -19.41 -29.62
C SER A 562 14.75 -19.23 -30.90
N PRO A 563 14.97 -20.09 -31.90
CA PRO A 563 14.10 -20.12 -33.08
C PRO A 563 12.79 -20.85 -32.85
N TRP A 564 12.53 -21.26 -31.61
CA TRP A 564 11.28 -21.94 -31.25
C TRP A 564 10.05 -21.21 -31.75
N ILE A 565 10.00 -19.88 -31.54
CA ILE A 565 8.78 -19.15 -31.88
C ILE A 565 8.53 -19.17 -33.38
N LYS A 566 9.58 -18.96 -34.18
CA LYS A 566 9.44 -19.06 -35.63
C LYS A 566 9.05 -20.45 -36.05
N ASN A 567 9.67 -21.48 -35.45
CA ASN A 567 9.39 -22.85 -35.84
C ASN A 567 7.94 -23.22 -35.55
N ILE A 568 7.42 -22.78 -34.41
CA ILE A 568 6.05 -23.16 -34.05
C ILE A 568 5.03 -22.33 -34.82
N VAL A 569 5.33 -21.07 -35.11
CA VAL A 569 4.38 -20.27 -35.88
C VAL A 569 4.38 -20.69 -37.34
N ASP A 570 5.52 -21.19 -37.85
CA ASP A 570 5.55 -21.71 -39.21
C ASP A 570 4.73 -22.97 -39.36
N ALA A 571 4.50 -23.71 -38.27
CA ALA A 571 3.67 -24.90 -38.32
C ALA A 571 2.19 -24.61 -38.17
N ASN A 572 1.81 -23.34 -37.99
CA ASN A 572 0.42 -22.96 -37.74
C ASN A 572 0.04 -21.86 -38.74
N LYS A 573 -0.58 -22.26 -39.84
CA LYS A 573 -0.87 -21.35 -40.94
C LYS A 573 -1.83 -20.22 -40.56
N PHE A 574 -2.68 -20.43 -39.55
CA PHE A 574 -3.73 -19.48 -39.24
C PHE A 574 -3.44 -18.65 -38.00
N PHE A 575 -2.21 -18.70 -37.47
CA PHE A 575 -1.92 -18.00 -36.22
C PHE A 575 -1.99 -16.49 -36.38
N ASN A 576 -1.21 -15.93 -37.32
CA ASN A 576 -1.20 -14.49 -37.50
C ASN A 576 -2.56 -13.98 -37.99
N GLN A 577 -3.19 -14.75 -38.89
CA GLN A 577 -4.53 -14.38 -39.34
C GLN A 577 -5.51 -14.32 -38.17
N ASN A 578 -5.40 -15.26 -37.22
CA ASN A 578 -6.33 -15.25 -36.09
C ASN A 578 -6.01 -14.14 -35.10
N VAL A 579 -4.73 -13.81 -34.90
CA VAL A 579 -4.40 -12.67 -34.05
C VAL A 579 -4.98 -11.39 -34.64
N ILE A 580 -4.71 -11.16 -35.93
CA ILE A 580 -5.22 -9.97 -36.61
C ILE A 580 -6.74 -9.96 -36.63
N SER A 581 -7.37 -11.13 -36.74
CA SER A 581 -8.82 -11.18 -36.75
C SER A 581 -9.41 -10.92 -35.37
N VAL A 582 -8.73 -11.33 -34.30
CA VAL A 582 -9.13 -10.91 -32.96
C VAL A 582 -9.08 -9.39 -32.86
N PHE A 583 -7.97 -8.80 -33.33
CA PHE A 583 -7.86 -7.33 -33.30
C PHE A 583 -8.98 -6.66 -34.09
N GLN A 584 -9.19 -7.09 -35.34
CA GLN A 584 -10.22 -6.49 -36.17
C GLN A 584 -11.62 -6.69 -35.58
N THR A 585 -11.93 -7.90 -35.14
CA THR A 585 -13.23 -8.20 -34.56
C THR A 585 -13.51 -7.30 -33.36
N GLY A 586 -12.55 -7.22 -32.45
CA GLY A 586 -12.72 -6.33 -31.31
C GLY A 586 -12.88 -4.89 -31.71
N PHE A 587 -12.11 -4.45 -32.69
CA PHE A 587 -12.01 -3.02 -32.99
C PHE A 587 -13.02 -2.55 -34.03
N GLN A 588 -13.63 -3.45 -34.80
CA GLN A 588 -14.80 -3.11 -35.60
C GLN A 588 -16.11 -3.41 -34.89
N THR A 589 -16.09 -3.59 -33.58
CA THR A 589 -17.29 -3.92 -32.84
C THR A 589 -18.25 -2.72 -32.77
N SER A 590 -19.50 -2.93 -33.18
CA SER A 590 -20.54 -1.93 -33.02
C SER A 590 -20.91 -1.83 -31.54
N ALA A 591 -20.25 -0.94 -30.81
CA ALA A 591 -20.41 -0.83 -29.37
C ALA A 591 -21.80 -0.27 -29.06
N SER A 592 -22.78 -1.17 -29.03
CA SER A 592 -24.15 -0.75 -28.75
C SER A 592 -24.34 -0.41 -27.27
N THR A 593 -23.92 -1.32 -26.39
CA THR A 593 -24.03 -1.13 -24.96
C THR A 593 -22.67 -0.84 -24.34
N LYS A 594 -22.69 -0.30 -23.11
CA LYS A 594 -21.46 -0.03 -22.40
C LYS A 594 -20.74 -1.33 -22.04
N VAL A 595 -21.49 -2.41 -21.85
CA VAL A 595 -20.90 -3.75 -21.73
C VAL A 595 -20.04 -4.03 -22.95
N SER A 596 -20.61 -3.84 -24.14
CA SER A 596 -19.86 -4.05 -25.37
C SER A 596 -18.69 -3.10 -25.49
N GLN A 597 -18.83 -1.87 -24.97
CA GLN A 597 -17.73 -0.92 -25.04
C GLN A 597 -16.52 -1.39 -24.22
N ILE A 598 -16.75 -1.72 -22.95
CA ILE A 598 -15.65 -2.16 -22.09
C ILE A 598 -15.09 -3.49 -22.59
N LEU A 599 -15.93 -4.37 -23.12
CA LEU A 599 -15.41 -5.62 -23.68
C LEU A 599 -14.60 -5.36 -24.94
N LYS A 600 -15.02 -4.39 -25.77
CA LYS A 600 -14.23 -4.00 -26.94
C LYS A 600 -12.85 -3.54 -26.53
N LEU A 601 -12.79 -2.68 -25.50
CA LEU A 601 -11.50 -2.27 -24.96
C LEU A 601 -10.67 -3.46 -24.51
N ASP A 602 -11.31 -4.44 -23.85
CA ASP A 602 -10.56 -5.62 -23.40
C ASP A 602 -10.01 -6.43 -24.57
N PHE A 603 -10.83 -6.67 -25.59
CA PHE A 603 -10.39 -7.46 -26.74
C PHE A 603 -9.22 -6.77 -27.45
N VAL A 604 -9.37 -5.48 -27.73
CA VAL A 604 -8.29 -4.80 -28.44
C VAL A 604 -7.04 -4.69 -27.58
N ARG A 605 -7.21 -4.56 -26.25
CA ARG A 605 -6.04 -4.51 -25.37
C ARG A 605 -5.28 -5.81 -25.42
N THR A 606 -5.97 -6.93 -25.26
CA THR A 606 -5.34 -8.25 -25.35
C THR A 606 -4.61 -8.41 -26.68
N SER A 607 -5.32 -8.17 -27.80
CA SER A 607 -4.74 -8.41 -29.11
C SER A 607 -3.53 -7.51 -29.37
N THR A 608 -3.62 -6.23 -29.00
CA THR A 608 -2.53 -5.30 -29.24
C THR A 608 -1.30 -5.64 -28.41
N THR A 609 -1.48 -5.96 -27.12
CA THR A 609 -0.32 -6.35 -26.33
C THR A 609 0.30 -7.64 -26.86
N LEU A 610 -0.53 -8.56 -27.37
CA LEU A 610 0.00 -9.77 -27.97
C LEU A 610 0.84 -9.46 -29.20
N ILE A 611 0.38 -8.54 -30.05
CA ILE A 611 1.17 -8.13 -31.21
C ILE A 611 2.50 -7.54 -30.77
N GLY A 612 2.45 -6.63 -29.79
CA GLY A 612 3.66 -6.00 -29.31
C GLY A 612 4.67 -7.00 -28.76
N THR A 613 4.18 -8.06 -28.11
CA THR A 613 5.10 -9.07 -27.59
C THR A 613 5.57 -10.02 -28.69
N LEU A 614 4.77 -10.23 -29.73
CA LEU A 614 5.21 -11.00 -30.89
C LEU A 614 6.16 -10.23 -31.78
N ALA A 615 6.39 -8.95 -31.50
CA ALA A 615 7.43 -8.18 -32.18
C ALA A 615 8.73 -8.97 -32.38
N GLY A 616 9.16 -9.72 -31.37
CA GLY A 616 10.38 -10.49 -31.49
C GLY A 616 10.31 -11.57 -32.55
N TYR A 617 9.19 -12.31 -32.58
CA TYR A 617 8.89 -13.18 -33.71
C TYR A 617 8.97 -12.43 -35.03
N PHE A 618 8.33 -11.26 -35.09
CA PHE A 618 8.30 -10.47 -36.31
C PHE A 618 9.71 -10.16 -36.80
N LYS A 619 10.65 -9.93 -35.89
CA LYS A 619 12.02 -9.69 -36.30
C LYS A 619 12.64 -10.94 -36.93
N GLN A 620 12.26 -12.13 -36.47
CA GLN A 620 12.79 -13.36 -37.06
C GLN A 620 12.12 -13.72 -38.37
N GLU A 621 10.94 -13.17 -38.65
CA GLU A 621 10.18 -13.53 -39.84
C GLU A 621 9.42 -12.30 -40.32
N PRO A 622 10.13 -11.35 -40.94
CA PRO A 622 9.53 -10.02 -41.17
C PRO A 622 8.39 -10.00 -42.17
N PHE A 623 8.26 -11.01 -43.03
CA PHE A 623 7.24 -10.91 -44.07
C PHE A 623 5.83 -11.08 -43.53
N GLN A 624 5.68 -11.40 -42.24
CA GLN A 624 4.40 -11.47 -41.56
C GLN A 624 4.03 -10.15 -40.87
N LEU A 625 4.95 -9.18 -40.83
CA LEU A 625 4.74 -7.95 -40.08
C LEU A 625 3.86 -6.96 -40.83
N ASN A 626 3.93 -6.97 -42.16
CA ASN A 626 3.16 -6.02 -42.96
C ASN A 626 1.66 -6.09 -42.73
N PRO A 627 1.02 -7.26 -42.62
CA PRO A 627 -0.42 -7.25 -42.30
C PRO A 627 -0.73 -6.58 -40.96
N TYR A 628 0.09 -6.84 -39.94
CA TYR A 628 -0.11 -6.21 -38.65
C TYR A 628 0.04 -4.69 -38.75
N VAL A 629 1.06 -4.21 -39.47
CA VAL A 629 1.27 -2.77 -39.58
C VAL A 629 0.10 -2.12 -40.32
N GLU A 630 -0.35 -2.75 -41.41
CA GLU A 630 -1.48 -2.21 -42.18
C GLU A 630 -2.74 -2.18 -41.34
N ALA A 631 -3.00 -3.25 -40.58
CA ALA A 631 -4.19 -3.29 -39.73
C ALA A 631 -4.12 -2.22 -38.64
N LEU A 632 -2.95 -2.06 -38.01
CA LEU A 632 -2.80 -1.08 -36.95
C LEU A 632 -3.03 0.34 -37.47
N PHE A 633 -2.45 0.68 -38.62
CA PHE A 633 -2.66 2.04 -39.10
C PHE A 633 -4.04 2.24 -39.70
N GLN A 634 -4.66 1.20 -40.25
CA GLN A 634 -6.05 1.33 -40.69
C GLN A 634 -6.96 1.59 -39.49
N GLY A 635 -6.72 0.89 -38.38
CA GLY A 635 -7.48 1.17 -37.17
C GLY A 635 -7.20 2.53 -36.58
N LEU A 636 -5.95 2.99 -36.67
CA LEU A 636 -5.62 4.34 -36.21
C LEU A 636 -6.35 5.38 -37.04
N HIS A 637 -6.35 5.22 -38.36
CA HIS A 637 -7.11 6.08 -39.25
C HIS A 637 -8.60 6.06 -38.90
N THR A 638 -9.13 4.89 -38.54
CA THR A 638 -10.51 4.82 -38.06
C THR A 638 -10.70 5.66 -36.81
N CYS A 639 -9.76 5.55 -35.85
CA CYS A 639 -9.85 6.35 -34.63
C CYS A 639 -9.87 7.84 -34.93
N THR A 640 -8.94 8.30 -35.78
CA THR A 640 -8.76 9.74 -35.96
C THR A 640 -9.95 10.36 -36.69
N ASN A 641 -10.30 9.83 -37.84
CA ASN A 641 -11.41 10.38 -38.61
C ASN A 641 -12.77 10.14 -37.94
N PHE A 642 -12.82 9.30 -36.90
CA PHE A 642 -14.00 9.19 -36.06
C PHE A 642 -14.26 10.52 -35.37
N THR A 643 -15.36 11.18 -35.73
CA THR A 643 -15.68 12.50 -35.19
C THR A 643 -17.01 12.49 -34.44
N SER A 644 -17.71 11.36 -34.40
CA SER A 644 -18.98 11.27 -33.69
C SER A 644 -18.80 11.64 -32.23
N LYS A 645 -19.56 12.63 -31.77
CA LYS A 645 -19.29 13.28 -30.49
C LYS A 645 -20.30 12.94 -29.38
N ASN A 646 -20.41 11.66 -29.03
CA ASN A 646 -21.09 11.29 -27.80
C ASN A 646 -20.33 11.77 -26.57
N GLU A 647 -19.07 12.18 -26.73
CA GLU A 647 -18.21 12.70 -25.67
C GLU A 647 -17.76 11.61 -24.70
N GLN A 648 -18.54 10.53 -24.60
CA GLN A 648 -18.13 9.36 -23.85
C GLN A 648 -17.84 8.13 -24.72
N GLU A 649 -18.12 8.20 -26.02
CA GLU A 649 -17.54 7.26 -26.95
C GLU A 649 -16.19 7.73 -27.47
N LYS A 650 -15.91 9.04 -27.37
CA LYS A 650 -14.60 9.53 -27.77
C LYS A 650 -13.53 9.24 -26.73
N ILE A 651 -13.89 9.09 -25.45
CA ILE A 651 -12.90 8.63 -24.49
C ILE A 651 -12.48 7.20 -24.81
N SER A 652 -13.44 6.35 -25.19
CA SER A 652 -13.10 5.00 -25.62
C SER A 652 -12.33 5.02 -26.93
N ASN A 653 -12.69 5.94 -27.84
CA ASN A 653 -11.94 6.10 -29.07
C ASN A 653 -10.48 6.43 -28.78
N ASP A 654 -10.25 7.37 -27.87
CA ASP A 654 -8.88 7.76 -27.53
C ASP A 654 -8.13 6.64 -26.83
N LYS A 655 -8.83 5.84 -26.03
CA LYS A 655 -8.20 4.66 -25.43
C LYS A 655 -7.76 3.67 -26.50
N LEU A 656 -8.64 3.38 -27.45
CA LEU A 656 -8.28 2.52 -28.58
C LEU A 656 -7.08 3.08 -29.33
N GLU A 657 -7.10 4.39 -29.56
CA GLU A 657 -6.03 5.06 -30.30
C GLU A 657 -4.70 4.93 -29.58
N VAL A 658 -4.70 5.12 -28.26
CA VAL A 658 -3.44 5.04 -27.52
C VAL A 658 -2.95 3.60 -27.47
N MSE A 659 -3.85 2.62 -27.41
CA MSE A 659 -3.42 1.22 -27.46
C MSE A 659 -2.70 0.93 -28.79
O MSE A 659 -1.60 0.34 -28.83
CB MSE A 659 -4.60 0.28 -27.28
CG MSE A 659 -5.25 0.35 -25.91
SE MSE A 659 -6.81 -0.81 -25.77
CE MSE A 659 -7.39 -0.29 -23.99
N VAL A 660 -3.36 1.36 -29.87
CA VAL A 660 -2.80 1.14 -31.22
C VAL A 660 -1.42 1.77 -31.33
N ILE A 661 -1.27 3.01 -30.86
CA ILE A 661 -0.01 3.71 -31.06
C ILE A 661 1.07 3.14 -30.14
N LYS A 662 0.70 2.72 -28.92
CA LYS A 662 1.65 2.04 -28.06
C LYS A 662 2.21 0.79 -28.75
N THR A 663 1.35 0.02 -29.40
CA THR A 663 1.85 -1.21 -30.00
C THR A 663 2.65 -0.95 -31.28
N VAL A 664 2.30 0.09 -32.05
CA VAL A 664 3.16 0.38 -33.20
C VAL A 664 4.53 0.86 -32.72
N SER A 665 4.58 1.58 -31.60
CA SER A 665 5.88 2.03 -31.08
C SER A 665 6.68 0.86 -30.54
N THR A 666 6.01 -0.10 -29.88
CA THR A 666 6.72 -1.28 -29.40
C THR A 666 7.21 -2.15 -30.55
N LEU A 667 6.46 -2.21 -31.66
CA LEU A 667 6.96 -2.89 -32.84
C LEU A 667 8.17 -2.17 -33.42
N CYS A 668 8.14 -0.84 -33.46
CA CYS A 668 9.27 -0.08 -33.99
C CYS A 668 10.50 -0.19 -33.10
N GLU A 669 10.32 -0.40 -31.79
CA GLU A 669 11.48 -0.48 -30.91
C GLU A 669 12.36 -1.69 -31.23
N THR A 670 11.76 -2.78 -31.70
CA THR A 670 12.47 -4.02 -32.00
C THR A 670 12.67 -4.26 -33.48
N CYS A 671 11.68 -3.92 -34.31
CA CYS A 671 11.72 -4.17 -35.75
C CYS A 671 12.11 -2.92 -36.53
N ARG A 672 12.98 -2.08 -35.95
CA ARG A 672 13.31 -0.81 -36.57
C ARG A 672 14.01 -0.98 -37.91
N GLU A 673 14.81 -2.04 -38.06
CA GLU A 673 15.50 -2.28 -39.32
C GLU A 673 14.56 -2.85 -40.37
N GLU A 674 13.63 -3.70 -39.95
CA GLU A 674 12.68 -4.31 -40.87
C GLU A 674 11.57 -3.35 -41.29
N LEU A 675 11.38 -2.25 -40.57
CA LEU A 675 10.34 -1.27 -40.85
C LEU A 675 10.86 -0.10 -41.69
N THR A 676 12.12 -0.14 -42.11
CA THR A 676 12.68 0.89 -42.97
C THR A 676 11.81 1.22 -44.18
N PRO A 677 11.26 0.26 -44.93
CA PRO A 677 10.42 0.63 -46.09
C PRO A 677 9.24 1.50 -45.74
N TYR A 678 8.78 1.50 -44.48
CA TYR A 678 7.65 2.33 -44.08
C TYR A 678 8.05 3.74 -43.67
N LEU A 679 9.36 4.00 -43.50
CA LEU A 679 9.81 5.26 -42.90
C LEU A 679 9.20 6.47 -43.60
N MSE A 680 9.45 6.60 -44.90
CA MSE A 680 8.95 7.74 -45.67
C MSE A 680 7.45 7.92 -45.53
O MSE A 680 6.94 9.04 -45.52
CB MSE A 680 9.31 7.58 -47.16
CG MSE A 680 10.79 7.65 -47.43
SE MSE A 680 11.53 9.39 -46.94
CE MSE A 680 13.36 9.11 -47.55
N HIS A 681 6.73 6.80 -45.41
CA HIS A 681 5.29 6.89 -45.20
C HIS A 681 4.98 7.43 -43.81
N PHE A 682 5.62 6.88 -42.78
CA PHE A 682 5.41 7.37 -41.41
C PHE A 682 5.60 8.88 -41.36
N ILE A 683 6.74 9.36 -41.83
CA ILE A 683 7.05 10.79 -41.80
C ILE A 683 5.96 11.60 -42.50
N SER A 684 5.39 11.04 -43.58
CA SER A 684 4.31 11.75 -44.26
C SER A 684 3.06 11.77 -43.40
N PHE A 685 2.70 10.61 -42.83
CA PHE A 685 1.51 10.56 -41.98
C PHE A 685 1.65 11.48 -40.78
N LEU A 686 2.83 11.47 -40.14
CA LEU A 686 3.12 12.43 -39.08
C LEU A 686 2.82 13.86 -39.53
N ASN A 687 3.18 14.21 -40.76
CA ASN A 687 2.99 15.57 -41.23
C ASN A 687 1.51 15.95 -41.28
N THR A 688 0.63 14.97 -41.47
CA THR A 688 -0.80 15.27 -41.59
C THR A 688 -1.53 15.25 -40.26
N VAL A 689 -0.84 14.91 -39.17
CA VAL A 689 -1.50 14.78 -37.86
C VAL A 689 -0.73 15.57 -36.81
N ILE A 690 0.49 15.99 -37.15
CA ILE A 690 1.26 16.84 -36.23
C ILE A 690 0.59 18.20 -36.06
N MSE A 691 -0.21 18.62 -37.03
CA MSE A 691 -0.94 19.87 -36.98
C MSE A 691 -1.92 19.85 -35.82
O MSE A 691 -2.46 18.80 -35.47
CB MSE A 691 -1.67 20.11 -38.30
CG MSE A 691 -0.75 20.21 -39.51
SE MSE A 691 -1.73 20.45 -41.17
CE MSE A 691 -2.43 18.64 -41.38
N PRO A 692 -2.16 21.02 -35.20
CA PRO A 692 -3.11 21.05 -34.08
C PRO A 692 -4.55 20.79 -34.49
N ASP A 693 -4.93 21.14 -35.72
CA ASP A 693 -6.29 20.94 -36.18
C ASP A 693 -6.53 19.50 -36.64
N SER A 694 -6.13 18.53 -35.80
CA SER A 694 -6.32 17.13 -36.10
C SER A 694 -7.04 16.47 -34.93
N ASN A 695 -7.87 15.47 -35.25
CA ASN A 695 -8.58 14.71 -34.23
C ASN A 695 -7.69 13.66 -33.57
N VAL A 696 -6.38 13.70 -33.83
CA VAL A 696 -5.45 12.83 -33.13
C VAL A 696 -5.21 13.36 -31.72
N SER A 697 -4.66 12.51 -30.86
CA SER A 697 -4.32 12.90 -29.51
C SER A 697 -2.83 13.20 -29.39
N HIS A 698 -2.49 14.03 -28.41
CA HIS A 698 -1.12 14.45 -28.21
C HIS A 698 -0.21 13.26 -27.89
N PHE A 699 -0.73 12.31 -27.11
CA PHE A 699 0.04 11.12 -26.76
C PHE A 699 0.35 10.27 -28.00
N THR A 700 -0.61 10.18 -28.93
CA THR A 700 -0.32 9.46 -30.17
C THR A 700 0.67 10.23 -31.04
N ARG A 701 0.60 11.57 -31.04
CA ARG A 701 1.65 12.33 -31.71
C ARG A 701 3.03 11.96 -31.17
N THR A 702 3.16 11.95 -29.84
CA THR A 702 4.47 11.67 -29.25
C THR A 702 4.94 10.25 -29.55
N LYS A 703 4.04 9.26 -29.43
CA LYS A 703 4.46 7.89 -29.71
C LYS A 703 4.77 7.68 -31.18
N LEU A 704 4.07 8.39 -32.07
CA LEU A 704 4.39 8.30 -33.49
C LEU A 704 5.78 8.87 -33.78
N VAL A 705 6.10 10.02 -33.17
CA VAL A 705 7.44 10.57 -33.31
C VAL A 705 8.49 9.60 -32.76
N ARG A 706 8.18 8.95 -31.63
CA ARG A 706 9.13 8.00 -31.05
C ARG A 706 9.37 6.82 -31.97
N SER A 707 8.31 6.28 -32.58
CA SER A 707 8.46 5.14 -33.47
C SER A 707 9.22 5.52 -34.73
N ILE A 708 8.92 6.69 -35.30
CA ILE A 708 9.69 7.19 -36.43
C ILE A 708 11.16 7.32 -36.05
N GLY A 709 11.45 7.81 -34.84
CA GLY A 709 12.83 7.95 -34.42
C GLY A 709 13.53 6.61 -34.24
N TYR A 710 12.81 5.62 -33.71
CA TYR A 710 13.33 4.25 -33.69
C TYR A 710 13.75 3.80 -35.08
N VAL A 711 12.90 4.06 -36.09
CA VAL A 711 13.25 3.63 -37.44
C VAL A 711 14.43 4.43 -37.98
N VAL A 712 14.50 5.72 -37.65
CA VAL A 712 15.59 6.58 -38.12
C VAL A 712 16.91 6.19 -37.45
N GLN A 713 16.84 5.70 -36.21
CA GLN A 713 18.06 5.43 -35.44
C GLN A 713 18.96 4.41 -36.14
N CYS A 714 18.37 3.42 -36.82
CA CYS A 714 19.15 2.36 -37.44
C CYS A 714 19.53 2.68 -38.89
N GLN A 715 19.24 3.88 -39.37
CA GLN A 715 19.57 4.27 -40.75
C GLN A 715 21.02 4.77 -40.81
N VAL A 716 21.94 3.85 -40.54
CA VAL A 716 23.36 4.17 -40.46
C VAL A 716 24.17 3.48 -41.54
N SER A 717 23.54 2.71 -42.43
CA SER A 717 24.30 2.02 -43.47
C SER A 717 24.96 3.00 -44.41
N ASN A 718 24.39 4.19 -44.59
CA ASN A 718 25.04 5.26 -45.32
C ASN A 718 25.88 6.07 -44.33
N GLY A 719 26.19 7.32 -44.65
CA GLY A 719 26.94 8.15 -43.74
C GLY A 719 26.07 8.62 -42.58
N PRO A 720 26.61 9.51 -41.75
CA PRO A 720 25.77 10.19 -40.76
C PRO A 720 24.91 11.27 -41.36
N GLU A 721 25.27 11.77 -42.55
CA GLU A 721 24.57 12.91 -43.14
C GLU A 721 23.15 12.55 -43.57
N GLU A 722 22.97 11.36 -44.15
CA GLU A 722 21.63 10.96 -44.57
C GLU A 722 20.69 10.80 -43.38
N GLN A 723 21.21 10.27 -42.26
CA GLN A 723 20.39 10.14 -41.06
C GLN A 723 20.10 11.51 -40.45
N ALA A 724 21.13 12.37 -40.42
CA ALA A 724 20.93 13.73 -39.94
C ALA A 724 19.95 14.50 -40.79
N LYS A 725 19.76 14.10 -42.05
CA LYS A 725 18.72 14.73 -42.87
C LYS A 725 17.34 14.47 -42.28
N TYR A 726 17.05 13.20 -41.94
CA TYR A 726 15.79 12.87 -41.27
C TYR A 726 15.65 13.61 -39.95
N ILE A 727 16.73 13.61 -39.15
CA ILE A 727 16.68 14.25 -37.84
C ILE A 727 16.42 15.74 -37.97
N LEU A 728 17.09 16.39 -38.94
CA LEU A 728 16.87 17.81 -39.18
C LEU A 728 15.45 18.08 -39.61
N GLN A 729 14.90 17.24 -40.49
CA GLN A 729 13.51 17.42 -40.91
C GLN A 729 12.57 17.36 -39.71
N LEU A 730 12.75 16.35 -38.85
CA LEU A 730 11.86 16.20 -37.70
C LEU A 730 12.01 17.36 -36.72
N THR A 731 13.24 17.77 -36.43
CA THR A 731 13.44 18.87 -35.48
C THR A 731 12.90 20.18 -36.03
N ASN A 732 13.09 20.43 -37.33
CA ASN A 732 12.51 21.62 -37.93
C ASN A 732 10.99 21.60 -37.84
N LEU A 733 10.38 20.47 -38.19
CA LEU A 733 8.93 20.34 -38.05
C LEU A 733 8.46 20.69 -36.65
N LEU A 734 9.06 20.04 -35.64
CA LEU A 734 8.59 20.21 -34.26
C LEU A 734 8.83 21.63 -33.77
N SER A 735 10.04 22.17 -33.97
CA SER A 735 10.37 23.50 -33.48
C SER A 735 9.56 24.57 -34.20
N GLY A 736 9.35 24.41 -35.51
CA GLY A 736 8.53 25.37 -36.23
C GLY A 736 7.08 25.34 -35.79
N SER A 737 6.55 24.14 -35.50
CA SER A 737 5.21 24.07 -34.96
C SER A 737 5.12 24.78 -33.61
N ILE A 738 6.12 24.57 -32.74
CA ILE A 738 6.15 25.26 -31.45
C ILE A 738 6.16 26.77 -31.65
N GLU A 739 7.02 27.26 -32.53
CA GLU A 739 7.16 28.72 -32.68
C GLU A 739 5.91 29.31 -33.31
N HIS A 740 5.32 28.61 -34.28
CA HIS A 740 4.06 29.05 -34.87
C HIS A 740 2.96 29.14 -33.82
N CYS A 741 2.87 28.15 -32.93
CA CYS A 741 1.87 28.22 -31.87
C CYS A 741 2.15 29.37 -30.93
N LEU A 742 3.43 29.60 -30.59
CA LEU A 742 3.77 30.68 -29.68
C LEU A 742 3.48 32.06 -30.28
N ALA A 743 3.59 32.20 -31.60
CA ALA A 743 3.46 33.50 -32.23
C ALA A 743 2.06 33.79 -32.79
N SER A 744 1.22 32.77 -32.95
CA SER A 744 -0.05 32.96 -33.65
C SER A 744 -1.22 33.27 -32.73
N SER A 745 -1.25 32.71 -31.52
CA SER A 745 -2.40 32.87 -30.64
C SER A 745 -1.94 33.19 -29.23
N VAL A 746 -2.89 33.70 -28.43
CA VAL A 746 -2.68 33.77 -27.00
C VAL A 746 -2.66 32.38 -26.43
N GLN A 747 -1.79 32.15 -25.44
CA GLN A 747 -1.50 30.79 -24.99
C GLN A 747 -2.53 30.37 -23.95
N LEU A 748 -3.70 30.00 -24.45
CA LEU A 748 -4.75 29.42 -23.61
C LEU A 748 -4.42 27.95 -23.37
N GLN A 749 -5.38 27.21 -22.78
CA GLN A 749 -5.10 25.84 -22.38
C GLN A 749 -4.84 24.95 -23.58
N GLU A 750 -5.55 25.17 -24.69
CA GLU A 750 -5.32 24.40 -25.90
C GLU A 750 -3.89 24.56 -26.39
N GLN A 751 -3.44 25.81 -26.52
CA GLN A 751 -2.10 26.09 -27.01
C GLN A 751 -1.05 25.55 -26.05
N GLN A 752 -1.30 25.65 -24.74
CA GLN A 752 -0.35 25.11 -23.76
C GLN A 752 -0.23 23.59 -23.90
N ASP A 753 -1.36 22.91 -24.05
CA ASP A 753 -1.33 21.45 -24.22
C ASP A 753 -0.60 21.09 -25.50
N TYR A 754 -0.76 21.88 -26.56
CA TYR A 754 -0.08 21.57 -27.81
C TYR A 754 1.43 21.79 -27.70
N ILE A 755 1.85 22.87 -27.02
CA ILE A 755 3.27 23.10 -26.77
C ILE A 755 3.85 21.96 -25.94
N ASN A 756 3.10 21.51 -24.92
CA ASN A 756 3.54 20.39 -24.10
C ASN A 756 3.70 19.13 -24.95
N CYS A 757 2.73 18.87 -25.82
CA CYS A 757 2.80 17.74 -26.74
C CYS A 757 4.06 17.79 -27.58
N LEU A 758 4.38 18.97 -28.12
CA LEU A 758 5.54 19.04 -29.02
C LEU A 758 6.85 18.92 -28.26
N LEU A 759 6.91 19.45 -27.03
CA LEU A 759 8.10 19.24 -26.21
C LEU A 759 8.29 17.76 -25.89
N TYR A 760 7.19 17.05 -25.56
CA TYR A 760 7.30 15.61 -25.38
C TYR A 760 7.64 14.88 -26.68
N CYS A 761 7.21 15.41 -27.83
CA CYS A 761 7.64 14.80 -29.09
C CYS A 761 9.14 14.93 -29.28
N ILE A 762 9.70 16.10 -28.96
CA ILE A 762 11.15 16.26 -29.03
C ILE A 762 11.84 15.30 -28.06
N SER A 763 11.28 15.15 -26.86
CA SER A 763 11.86 14.23 -25.89
C SER A 763 11.80 12.79 -26.40
N GLU A 764 10.68 12.39 -27.01
CA GLU A 764 10.56 11.04 -27.53
C GLU A 764 11.53 10.80 -28.67
N LEU A 765 11.72 11.80 -29.53
CA LEU A 765 12.71 11.70 -30.60
C LEU A 765 14.12 11.52 -30.03
N ALA A 766 14.46 12.33 -29.03
CA ALA A 766 15.77 12.20 -28.39
C ALA A 766 15.96 10.82 -27.78
N THR A 767 14.92 10.29 -27.13
CA THR A 767 15.02 8.97 -26.50
C THR A 767 15.17 7.87 -27.55
N SER A 768 14.40 7.95 -28.64
CA SER A 768 14.44 6.92 -29.67
C SER A 768 15.77 6.90 -30.41
N LEU A 769 16.52 8.00 -30.39
CA LEU A 769 17.81 8.06 -31.07
C LEU A 769 18.98 7.67 -30.17
N ILE A 770 18.71 7.26 -28.93
CA ILE A 770 19.76 6.70 -28.09
C ILE A 770 20.12 5.31 -28.62
N GLN A 771 21.41 5.07 -28.78
CA GLN A 771 21.86 3.76 -29.25
C GLN A 771 21.46 2.69 -28.25
N PRO A 772 20.91 1.57 -28.70
CA PRO A 772 20.59 0.48 -27.76
C PRO A 772 21.85 -0.07 -27.12
N THR A 773 21.81 -0.20 -25.78
CA THR A 773 23.02 -0.55 -25.04
C THR A 773 23.45 -1.99 -25.32
N GLU A 774 22.53 -2.86 -25.72
CA GLU A 774 22.89 -4.24 -25.99
C GLU A 774 23.43 -4.37 -27.41
N ILE A 775 24.44 -5.21 -27.57
CA ILE A 775 25.12 -5.35 -28.85
C ILE A 775 24.21 -6.10 -29.83
N ILE A 776 24.08 -5.59 -31.04
CA ILE A 776 23.20 -6.14 -32.05
C ILE A 776 24.02 -6.63 -33.24
N GLU A 777 23.49 -7.65 -33.92
CA GLU A 777 24.14 -8.21 -35.10
C GLU A 777 24.38 -7.15 -36.16
N ASN A 778 25.54 -7.23 -36.80
CA ASN A 778 25.89 -6.38 -37.95
C ASN A 778 25.66 -4.90 -37.63
N ASP A 779 26.48 -4.40 -36.70
CA ASP A 779 26.33 -3.01 -36.25
C ASP A 779 26.45 -2.04 -37.42
N ALA A 780 27.34 -2.32 -38.38
CA ALA A 780 27.57 -1.45 -39.53
C ALA A 780 28.03 -0.06 -39.07
N LEU A 781 27.30 0.54 -38.13
CA LEU A 781 27.74 1.70 -37.38
C LEU A 781 29.17 1.55 -36.88
N LEU A 782 29.52 0.34 -36.44
CA LEU A 782 30.82 0.12 -35.84
C LEU A 782 31.94 0.34 -36.84
N GLN A 783 31.70 0.07 -38.13
CA GLN A 783 32.65 0.47 -39.17
C GLN A 783 32.69 1.98 -39.36
N ARG A 784 31.64 2.68 -38.98
CA ARG A 784 31.50 4.11 -39.24
C ARG A 784 31.55 4.93 -37.97
N LEU A 785 31.86 4.31 -36.83
CA LEU A 785 31.78 4.96 -35.53
C LEU A 785 32.48 6.30 -35.53
N SER A 786 33.77 6.31 -35.91
CA SER A 786 34.53 7.55 -35.93
C SER A 786 33.81 8.64 -36.72
N GLU A 787 33.34 8.31 -37.92
CA GLU A 787 32.76 9.38 -38.72
C GLU A 787 31.39 9.82 -38.22
N PHE A 788 30.76 9.09 -37.30
CA PHE A 788 29.64 9.70 -36.59
C PHE A 788 30.14 10.53 -35.42
N GLN A 789 31.14 10.02 -34.70
CA GLN A 789 31.70 10.75 -33.57
C GLN A 789 32.20 12.13 -34.00
N SER A 790 32.79 12.22 -35.19
CA SER A 790 33.23 13.50 -35.71
C SER A 790 32.07 14.34 -36.23
N PHE A 791 31.00 13.72 -36.68
CA PHE A 791 29.90 14.46 -37.28
C PHE A 791 29.08 15.21 -36.23
N TRP A 792 28.57 14.49 -35.24
CA TRP A 792 27.69 15.12 -34.25
C TRP A 792 28.47 15.96 -33.25
N SER A 793 29.78 15.72 -33.11
CA SER A 793 30.60 16.64 -32.32
C SER A 793 30.66 18.01 -32.99
N SER A 794 30.67 18.04 -34.32
CA SER A 794 30.65 19.30 -35.04
C SER A 794 29.22 19.81 -35.23
N ASP A 795 28.28 18.90 -35.47
CA ASP A 795 26.87 19.17 -35.69
C ASP A 795 26.71 20.26 -36.75
N PRO A 796 27.05 20.00 -38.02
CA PRO A 796 26.92 21.04 -39.05
C PRO A 796 25.50 21.53 -39.25
N LEU A 797 24.51 20.71 -38.91
CA LEU A 797 23.10 21.03 -39.10
C LEU A 797 22.50 21.75 -37.89
N GLN A 798 23.26 21.90 -36.80
CA GLN A 798 22.88 22.74 -35.66
C GLN A 798 21.63 22.21 -34.96
N ILE A 799 21.52 20.89 -34.88
CA ILE A 799 20.35 20.25 -34.26
C ILE A 799 20.23 20.68 -32.79
N ARG A 800 21.33 20.60 -32.04
CA ARG A 800 21.30 20.91 -30.62
C ARG A 800 20.94 22.37 -30.38
N SER A 801 21.54 23.28 -31.16
CA SER A 801 21.22 24.69 -30.99
C SER A 801 19.76 24.98 -31.32
N LYS A 802 19.25 24.39 -32.41
CA LYS A 802 17.84 24.57 -32.75
C LYS A 802 16.95 24.09 -31.61
N ILE A 803 17.22 22.89 -31.09
CA ILE A 803 16.37 22.31 -30.07
C ILE A 803 16.37 23.16 -28.79
N MSE A 804 17.54 23.63 -28.37
CA MSE A 804 17.51 24.34 -27.10
C MSE A 804 17.09 25.80 -27.28
O MSE A 804 16.55 26.39 -26.36
CB MSE A 804 18.84 24.25 -26.36
CG MSE A 804 18.73 24.87 -24.97
SE MSE A 804 20.13 24.42 -23.71
CE MSE A 804 21.59 25.47 -24.46
N CYS A 805 17.27 26.38 -28.47
CA CYS A 805 16.65 27.68 -28.73
C CYS A 805 15.13 27.57 -28.69
N THR A 806 14.60 26.44 -29.17
CA THR A 806 13.16 26.19 -29.04
C THR A 806 12.75 26.10 -27.57
N ILE A 807 13.49 25.30 -26.79
CA ILE A 807 13.17 25.15 -25.38
C ILE A 807 13.24 26.49 -24.66
N ASP A 808 14.23 27.32 -25.02
CA ASP A 808 14.37 28.64 -24.41
C ASP A 808 13.20 29.53 -24.77
N LYS A 809 12.82 29.57 -26.05
CA LYS A 809 11.67 30.37 -26.45
C LYS A 809 10.41 29.95 -25.68
N VAL A 810 10.25 28.65 -25.44
CA VAL A 810 9.12 28.20 -24.63
C VAL A 810 9.24 28.73 -23.21
N LEU A 811 10.39 28.53 -22.58
CA LEU A 811 10.57 28.85 -21.18
C LEU A 811 11.01 30.30 -20.93
N ASP A 812 11.28 31.07 -21.98
CA ASP A 812 11.41 32.51 -21.81
C ASP A 812 10.05 33.21 -21.83
N ASN A 813 8.98 32.48 -22.09
CA ASN A 813 7.63 33.00 -22.03
C ASN A 813 7.12 32.84 -20.60
N SER A 814 6.61 33.93 -20.03
CA SER A 814 6.16 33.92 -18.63
C SER A 814 5.14 32.84 -18.37
N ILE A 815 4.33 32.50 -19.37
CA ILE A 815 3.23 31.56 -19.17
C ILE A 815 3.76 30.17 -18.82
N TYR A 816 4.96 29.83 -19.26
CA TYR A 816 5.43 28.46 -19.21
C TYR A 816 6.54 28.22 -18.18
N CYS A 817 7.45 29.17 -17.99
CA CYS A 817 8.57 28.95 -17.10
C CYS A 817 8.11 28.75 -15.66
N LYS A 818 6.95 29.30 -15.30
CA LYS A 818 6.36 29.05 -13.99
C LYS A 818 5.67 27.69 -13.91
N ASN A 819 5.61 26.94 -15.01
CA ASN A 819 4.90 25.67 -15.04
C ASN A 819 5.90 24.51 -14.91
N SER A 820 5.78 23.78 -13.80
CA SER A 820 6.72 22.71 -13.50
C SER A 820 6.69 21.61 -14.54
N ALA A 821 5.54 21.40 -15.19
CA ALA A 821 5.47 20.39 -16.26
C ALA A 821 6.44 20.72 -17.39
N PHE A 822 6.44 21.98 -17.83
CA PHE A 822 7.27 22.29 -18.98
C PHE A 822 8.73 22.46 -18.57
N VAL A 823 8.97 22.97 -17.35
CA VAL A 823 10.32 22.94 -16.80
C VAL A 823 10.85 21.50 -16.78
N GLU A 824 10.02 20.55 -16.35
CA GLU A 824 10.40 19.15 -16.29
C GLU A 824 10.78 18.63 -17.67
N ILE A 825 9.92 18.83 -18.66
CA ILE A 825 10.19 18.26 -19.97
C ILE A 825 11.42 18.91 -20.60
N GLY A 826 11.61 20.21 -20.37
CA GLY A 826 12.81 20.87 -20.88
C GLY A 826 14.08 20.31 -20.27
N CYS A 827 14.08 20.15 -18.94
CA CYS A 827 15.23 19.58 -18.27
C CYS A 827 15.51 18.16 -18.75
N LEU A 828 14.45 17.38 -18.99
CA LEU A 828 14.66 16.02 -19.50
C LEU A 828 15.31 16.05 -20.87
N ILE A 829 14.83 16.91 -21.76
CA ILE A 829 15.44 17.01 -23.08
C ILE A 829 16.91 17.41 -22.97
N VAL A 830 17.22 18.37 -22.10
CA VAL A 830 18.60 18.82 -21.98
C VAL A 830 19.49 17.72 -21.37
N GLY A 831 18.90 16.79 -20.62
CA GLY A 831 19.65 15.77 -19.92
C GLY A 831 19.68 14.39 -20.57
N LYS A 832 19.13 14.24 -21.78
CA LYS A 832 19.15 12.94 -22.44
C LYS A 832 20.58 12.46 -22.68
N GLY A 833 21.40 13.30 -23.29
CA GLY A 833 22.77 12.97 -23.62
C GLY A 833 23.72 12.82 -22.45
N LEU A 834 23.30 13.16 -21.24
CA LEU A 834 24.16 13.03 -20.08
C LEU A 834 24.19 11.58 -19.61
N ASN A 835 25.38 11.15 -19.18
CA ASN A 835 25.59 9.85 -18.55
C ASN A 835 25.39 8.69 -19.52
N LEU A 836 25.52 8.94 -20.81
CA LEU A 836 25.50 7.88 -21.80
C LEU A 836 26.87 7.23 -21.90
N PRO A 837 26.95 6.03 -22.47
CA PRO A 837 28.26 5.38 -22.65
C PRO A 837 29.24 6.29 -23.39
N ASP A 838 30.47 6.33 -22.89
CA ASP A 838 31.50 7.16 -23.49
C ASP A 838 31.78 6.69 -24.91
N GLY A 839 31.89 7.65 -25.83
CA GLY A 839 32.11 7.34 -27.23
C GLY A 839 30.87 7.13 -28.05
N GLU A 840 29.70 7.03 -27.44
CA GLU A 840 28.46 6.92 -28.19
C GLU A 840 28.23 8.19 -29.00
N PRO A 841 28.01 8.09 -30.31
CA PRO A 841 27.82 9.28 -31.15
C PRO A 841 26.40 9.83 -31.07
N TYR A 842 25.96 10.13 -29.86
CA TYR A 842 24.61 10.61 -29.64
C TYR A 842 24.48 12.07 -30.08
N PHE A 843 23.40 12.37 -30.79
CA PHE A 843 23.31 13.64 -31.51
C PHE A 843 23.05 14.81 -30.56
N LEU A 844 22.32 14.56 -29.47
CA LEU A 844 21.87 15.66 -28.61
C LEU A 844 22.63 15.62 -27.29
N LYS A 845 23.95 15.56 -27.37
CA LYS A 845 24.81 15.48 -26.19
C LYS A 845 25.35 16.87 -25.90
N TYR A 846 24.72 17.55 -24.93
CA TYR A 846 25.16 18.89 -24.54
C TYR A 846 26.34 18.80 -23.57
N ASN A 847 27.28 19.72 -23.72
CA ASN A 847 28.41 19.77 -22.81
C ASN A 847 28.03 20.55 -21.55
N MSE A 848 28.94 20.55 -20.58
CA MSE A 848 28.65 21.08 -19.24
C MSE A 848 28.15 22.52 -19.24
O MSE A 848 27.04 22.79 -18.74
CB MSE A 848 29.91 20.96 -18.38
CG MSE A 848 29.76 21.56 -16.98
SE MSE A 848 31.31 21.17 -15.87
CE MSE A 848 32.63 22.29 -16.76
N SER A 849 28.93 23.44 -19.82
CA SER A 849 28.54 24.85 -19.84
C SER A 849 27.13 25.03 -20.41
N GLU A 850 26.92 24.55 -21.65
CA GLU A 850 25.62 24.59 -22.31
C GLU A 850 24.49 24.18 -21.39
N VAL A 851 24.74 23.21 -20.51
CA VAL A 851 23.68 22.76 -19.60
C VAL A 851 23.42 23.82 -18.54
N MSE A 852 24.45 24.24 -17.81
CA MSE A 852 24.23 25.18 -16.72
C MSE A 852 23.69 26.52 -17.18
O MSE A 852 22.80 27.07 -16.55
CB MSE A 852 25.46 25.42 -15.86
CG MSE A 852 25.69 24.36 -14.81
SE MSE A 852 26.92 25.02 -13.45
CE MSE A 852 28.59 24.89 -14.45
N ASN A 853 24.26 27.05 -18.26
CA ASN A 853 23.67 28.24 -18.86
C ASN A 853 22.16 28.10 -18.93
N PHE A 854 21.69 26.97 -19.49
CA PHE A 854 20.27 26.65 -19.49
C PHE A 854 19.64 26.87 -18.12
N VAL A 855 20.07 26.11 -17.11
CA VAL A 855 19.46 26.27 -15.80
C VAL A 855 19.69 27.69 -15.28
N LEU A 856 20.88 28.25 -15.54
CA LEU A 856 21.14 29.62 -15.09
C LEU A 856 20.19 30.60 -15.75
N ARG A 857 19.75 30.33 -16.98
CA ARG A 857 18.84 31.24 -17.64
C ARG A 857 17.40 31.12 -17.14
N HIS A 858 17.07 30.09 -16.34
CA HIS A 858 15.67 29.81 -16.10
C HIS A 858 15.27 29.59 -14.65
N VAL A 859 16.21 29.45 -13.71
CA VAL A 859 15.82 29.37 -12.30
C VAL A 859 15.42 30.73 -11.73
N PRO A 860 15.97 31.87 -12.17
CA PRO A 860 15.46 33.14 -11.64
C PRO A 860 14.03 33.45 -12.06
N ASN A 861 13.53 32.80 -13.11
CA ASN A 861 12.24 33.16 -13.69
C ASN A 861 11.15 32.13 -13.45
N CYS A 862 11.46 30.99 -12.84
CA CYS A 862 10.49 29.93 -12.63
C CYS A 862 9.83 30.08 -11.26
N GLU A 863 8.78 29.29 -11.04
CA GLU A 863 8.25 29.11 -9.70
C GLU A 863 9.11 28.09 -8.99
N LEU A 864 9.84 28.53 -7.97
CA LEU A 864 10.90 27.70 -7.40
C LEU A 864 10.34 26.46 -6.73
N ALA A 865 9.36 26.64 -5.83
CA ALA A 865 8.85 25.55 -5.02
C ALA A 865 8.35 24.36 -5.83
N THR A 866 8.01 24.57 -7.11
CA THR A 866 7.55 23.49 -7.97
C THR A 866 8.54 23.12 -9.07
N CYS A 867 9.41 24.03 -9.48
CA CYS A 867 10.27 23.82 -10.65
C CYS A 867 11.71 23.52 -10.31
N LEU A 868 12.21 23.99 -9.17
CA LEU A 868 13.63 23.83 -8.85
C LEU A 868 14.08 22.38 -8.72
N PRO A 869 13.27 21.42 -8.25
CA PRO A 869 13.74 20.02 -8.25
C PRO A 869 14.17 19.51 -9.61
N TYR A 870 13.53 19.94 -10.69
CA TYR A 870 13.91 19.42 -12.00
C TYR A 870 15.26 19.99 -12.43
N PHE A 871 15.49 21.28 -12.19
CA PHE A 871 16.80 21.85 -12.45
C PHE A 871 17.88 21.19 -11.60
N VAL A 872 17.58 20.90 -10.34
CA VAL A 872 18.58 20.29 -9.47
C VAL A 872 18.88 18.86 -9.90
N TYR A 873 17.87 18.13 -10.36
CA TYR A 873 18.10 16.79 -10.87
C TYR A 873 18.94 16.83 -12.14
N LEU A 874 18.72 17.84 -12.98
CA LEU A 874 19.58 18.02 -14.15
C LEU A 874 21.01 18.33 -13.75
N LEU A 875 21.20 19.15 -12.71
CA LEU A 875 22.55 19.45 -12.25
C LEU A 875 23.24 18.23 -11.66
N GLU A 876 22.47 17.36 -11.01
CA GLU A 876 23.03 16.10 -10.52
C GLU A 876 23.46 15.19 -11.67
N LYS A 877 22.62 15.10 -12.71
CA LYS A 877 23.03 14.42 -13.93
C LYS A 877 24.31 15.02 -14.49
N LEU A 878 24.42 16.35 -14.48
CA LEU A 878 25.62 17.03 -14.97
C LEU A 878 26.84 16.61 -14.19
N ILE A 879 26.78 16.72 -12.85
CA ILE A 879 27.96 16.46 -12.03
C ILE A 879 28.32 14.99 -12.04
N SER A 880 27.36 14.09 -12.33
CA SER A 880 27.72 12.69 -12.55
C SER A 880 28.46 12.52 -13.88
N GLU A 881 27.97 13.17 -14.94
CA GLU A 881 28.61 13.11 -16.24
C GLU A 881 30.04 13.65 -16.21
N PHE A 882 30.23 14.81 -15.58
CA PHE A 882 31.48 15.53 -15.63
C PHE A 882 32.27 15.45 -14.33
N ARG A 883 32.10 14.35 -13.59
CA ARG A 883 32.66 14.28 -12.24
C ARG A 883 34.17 14.43 -12.24
N LYS A 884 34.85 13.92 -13.26
CA LYS A 884 36.31 13.94 -13.25
C LYS A 884 36.87 15.30 -13.65
N GLU A 885 36.08 16.14 -14.32
CA GLU A 885 36.50 17.47 -14.71
C GLU A 885 36.17 18.53 -13.68
N LEU A 886 35.22 18.25 -12.77
CA LEU A 886 34.72 19.28 -11.87
C LEU A 886 35.72 19.62 -10.77
N THR A 887 35.74 20.88 -10.40
CA THR A 887 36.52 21.45 -9.33
C THR A 887 35.60 22.00 -8.24
N PRO A 888 36.06 22.06 -6.99
CA PRO A 888 35.22 22.64 -5.93
C PRO A 888 34.78 24.06 -6.22
N GLN A 889 35.53 24.81 -7.04
CA GLN A 889 35.08 26.14 -7.42
C GLN A 889 33.82 26.08 -8.29
N GLU A 890 33.79 25.16 -9.26
CA GLU A 890 32.60 25.00 -10.08
C GLU A 890 31.43 24.45 -9.25
N PHE A 891 31.72 23.54 -8.31
CA PHE A 891 30.66 23.08 -7.41
C PHE A 891 30.09 24.23 -6.59
N ASP A 892 30.96 25.08 -6.02
CA ASP A 892 30.48 26.23 -5.28
C ASP A 892 29.66 27.15 -6.17
N PHE A 893 30.12 27.38 -7.42
CA PHE A 893 29.37 28.22 -8.33
C PHE A 893 27.94 27.71 -8.50
N MSE A 894 27.77 26.44 -8.84
CA MSE A 894 26.41 25.96 -9.08
C MSE A 894 25.61 25.77 -7.80
O MSE A 894 24.38 25.82 -7.81
CB MSE A 894 26.41 24.68 -9.91
CG MSE A 894 26.99 23.45 -9.26
SE MSE A 894 27.11 22.02 -10.59
CE MSE A 894 28.83 22.46 -11.37
N PHE A 895 26.30 25.56 -6.66
CA PHE A 895 25.60 25.47 -5.38
C PHE A 895 25.11 26.83 -4.91
N GLU A 896 25.87 27.89 -5.20
CA GLU A 896 25.47 29.24 -4.82
C GLU A 896 24.32 29.74 -5.68
N LYS A 897 24.46 29.66 -7.01
CA LYS A 897 23.49 30.23 -7.91
C LYS A 897 22.14 29.52 -7.85
N ILE A 898 22.13 28.23 -7.51
CA ILE A 898 20.95 27.41 -7.69
C ILE A 898 20.26 27.11 -6.36
N LEU A 899 21.02 26.99 -5.27
CA LEU A 899 20.43 26.57 -3.99
C LEU A 899 20.62 27.59 -2.89
N LEU A 900 21.85 28.05 -2.64
CA LEU A 900 22.12 28.83 -1.44
C LEU A 900 21.41 30.18 -1.45
N VAL A 901 21.34 30.84 -2.61
CA VAL A 901 20.70 32.16 -2.65
C VAL A 901 19.19 32.07 -2.42
N TYR A 902 18.60 30.89 -2.55
CA TYR A 902 17.17 30.71 -2.38
C TYR A 902 16.83 29.95 -1.10
N TYR A 903 17.80 29.75 -0.21
CA TYR A 903 17.62 28.79 0.87
C TYR A 903 16.66 29.30 1.94
N ASP A 904 16.71 30.59 2.25
CA ASP A 904 15.90 31.11 3.36
C ASP A 904 14.48 31.42 2.94
N ALA A 905 14.31 32.14 1.83
CA ALA A 905 12.99 32.58 1.40
C ALA A 905 12.19 31.51 0.68
N TYR A 906 12.76 30.31 0.48
CA TYR A 906 12.08 29.33 -0.36
C TYR A 906 12.29 27.88 0.08
N ILE A 907 13.39 27.57 0.77
CA ILE A 907 13.80 26.18 1.00
C ILE A 907 13.67 25.79 2.47
N ILE A 908 14.14 26.64 3.39
CA ILE A 908 14.29 26.24 4.79
C ILE A 908 12.97 25.77 5.40
N ASN A 909 11.84 26.32 4.95
CA ASN A 909 10.53 25.93 5.48
C ASN A 909 9.69 25.21 4.43
N ASP A 910 10.35 24.50 3.52
CA ASP A 910 9.67 23.70 2.49
C ASP A 910 10.29 22.31 2.53
N PRO A 911 9.60 21.32 3.10
CA PRO A 911 10.21 19.99 3.27
C PRO A 911 10.70 19.36 1.98
N ASP A 912 9.95 19.50 0.88
CA ASP A 912 10.36 18.89 -0.38
C ASP A 912 11.69 19.46 -0.86
N LEU A 913 11.78 20.79 -0.93
CA LEU A 913 13.02 21.43 -1.38
C LEU A 913 14.17 21.17 -0.41
N LEU A 914 13.87 21.05 0.88
CA LEU A 914 14.91 20.80 1.86
C LEU A 914 15.49 19.40 1.69
N GLN A 915 14.62 18.40 1.51
CA GLN A 915 15.05 17.06 1.18
C GLN A 915 15.82 17.05 -0.13
N MSE A 916 15.42 17.87 -1.10
CA MSE A 916 16.15 18.06 -2.35
C MSE A 916 17.59 18.50 -2.13
O MSE A 916 18.52 17.93 -2.70
CB MSE A 916 15.45 19.10 -3.21
CG MSE A 916 16.23 19.51 -4.44
SE MSE A 916 15.39 21.01 -5.31
CE MSE A 916 15.83 22.39 -4.00
N THR A 917 17.78 19.56 -1.34
CA THR A 917 19.12 20.07 -1.10
C THR A 917 19.98 19.04 -0.37
N ILE A 918 19.39 18.37 0.63
CA ILE A 918 20.11 17.32 1.34
C ILE A 918 20.53 16.21 0.38
N GLY A 919 19.62 15.82 -0.53
CA GLY A 919 19.95 14.79 -1.51
C GLY A 919 21.01 15.24 -2.50
N PHE A 920 21.02 16.53 -2.84
CA PHE A 920 22.08 17.07 -3.69
C PHE A 920 23.45 16.91 -3.02
N VAL A 921 23.54 17.30 -1.75
CA VAL A 921 24.81 17.16 -1.04
C VAL A 921 25.18 15.69 -0.90
N ASN A 922 24.20 14.82 -0.63
CA ASN A 922 24.46 13.39 -0.53
C ASN A 922 24.97 12.84 -1.85
N ASN A 923 24.40 13.29 -2.96
CA ASN A 923 24.84 12.83 -4.27
C ASN A 923 26.28 13.25 -4.53
N VAL A 924 26.62 14.48 -4.16
CA VAL A 924 28.01 14.91 -4.33
C VAL A 924 28.93 14.06 -3.46
N LEU A 925 28.48 13.68 -2.27
CA LEU A 925 29.29 12.79 -1.44
C LEU A 925 29.45 11.41 -2.06
N ASP A 926 28.38 10.89 -2.67
CA ASP A 926 28.46 9.63 -3.42
C ASP A 926 29.46 9.73 -4.57
N VAL A 927 29.43 10.83 -5.31
CA VAL A 927 30.15 10.92 -6.57
C VAL A 927 31.60 11.33 -6.34
N LYS A 928 31.82 12.54 -5.81
CA LYS A 928 33.16 13.10 -5.67
C LYS A 928 33.18 13.93 -4.40
N PRO A 929 33.50 13.32 -3.26
CA PRO A 929 33.29 14.00 -1.97
C PRO A 929 34.10 15.27 -1.81
N GLY A 930 35.29 15.34 -2.41
CA GLY A 930 36.13 16.53 -2.29
C GLY A 930 35.47 17.78 -2.82
N LEU A 931 34.47 17.64 -3.69
CA LEU A 931 33.72 18.82 -4.13
C LEU A 931 32.98 19.47 -2.97
N ALA A 932 32.41 18.68 -2.07
CA ALA A 932 31.69 19.25 -0.93
C ALA A 932 32.65 19.53 0.23
N ILE A 933 33.62 18.65 0.45
CA ILE A 933 34.59 18.88 1.53
C ILE A 933 35.47 20.09 1.22
N GLY A 934 35.89 20.22 -0.03
CA GLY A 934 36.64 21.38 -0.45
C GLY A 934 35.80 22.61 -0.74
N SER A 935 34.49 22.53 -0.50
CA SER A 935 33.62 23.67 -0.73
C SER A 935 33.85 24.76 0.30
N LYS A 936 33.68 26.01 -0.13
CA LYS A 936 33.76 27.13 0.78
C LYS A 936 32.50 27.31 1.62
N HIS A 937 31.51 26.44 1.45
CA HIS A 937 30.28 26.45 2.22
C HIS A 937 30.15 25.22 3.10
N TRP A 938 31.22 24.43 3.23
CA TRP A 938 31.15 23.17 3.97
C TRP A 938 31.02 23.44 5.46
N THR A 939 32.05 24.04 6.07
CA THR A 939 31.94 24.42 7.48
C THR A 939 31.04 25.63 7.67
N SER A 940 30.92 26.47 6.65
CA SER A 940 30.16 27.71 6.78
C SER A 940 28.65 27.44 6.83
N PHE A 941 28.15 26.67 5.87
CA PHE A 941 26.71 26.51 5.67
C PHE A 941 26.24 25.06 5.83
N ILE A 942 26.88 24.12 5.14
CA ILE A 942 26.33 22.77 5.02
C ILE A 942 26.26 22.10 6.39
N LEU A 943 27.41 22.03 7.08
CA LEU A 943 27.43 21.37 8.38
C LEU A 943 26.55 22.05 9.40
N PRO A 944 26.59 23.39 9.58
CA PRO A 944 25.67 24.01 10.56
C PRO A 944 24.21 23.82 10.22
N GLN A 945 23.83 23.96 8.95
CA GLN A 945 22.42 23.87 8.58
C GLN A 945 21.90 22.44 8.70
N PHE A 946 22.64 21.47 8.15
CA PHE A 946 22.22 20.08 8.30
C PHE A 946 22.32 19.63 9.75
N LEU A 947 23.06 20.37 10.58
CA LEU A 947 23.08 20.08 12.01
C LEU A 947 21.75 20.45 12.65
N LYS A 948 21.13 21.55 12.19
CA LYS A 948 19.88 22.03 12.77
C LYS A 948 18.67 21.23 12.31
N LEU A 949 18.75 20.56 11.17
CA LEU A 949 17.61 19.85 10.61
C LEU A 949 17.43 18.45 11.19
N ILE A 950 18.35 18.02 12.06
CA ILE A 950 18.25 16.67 12.63
C ILE A 950 16.98 16.47 13.44
N PRO A 951 16.59 17.39 14.35
CA PRO A 951 15.32 17.19 15.06
C PRO A 951 14.12 17.70 14.27
N SER A 952 14.14 17.50 12.95
CA SER A 952 12.99 17.81 12.12
C SER A 952 11.84 16.88 12.48
N ARG A 953 10.62 17.31 12.14
CA ARG A 953 9.44 16.51 12.42
C ARG A 953 8.86 15.85 11.18
N GLU A 954 9.42 16.10 10.01
CA GLU A 954 9.01 15.43 8.78
C GLU A 954 9.91 14.23 8.54
N LYS A 955 9.29 13.07 8.33
CA LYS A 955 10.02 11.81 8.39
C LYS A 955 11.05 11.70 7.27
N PHE A 956 10.71 12.14 6.07
CA PHE A 956 11.68 12.04 4.98
C PHE A 956 12.79 13.05 5.12
N THR A 957 12.52 14.21 5.73
CA THR A 957 13.61 15.13 6.08
C THR A 957 14.54 14.50 7.10
N ILE A 958 13.98 13.81 8.10
CA ILE A 958 14.80 13.12 9.09
C ILE A 958 15.69 12.09 8.42
N VAL A 959 15.10 11.25 7.55
CA VAL A 959 15.89 10.19 6.93
C VAL A 959 16.92 10.78 5.99
N ALA A 960 16.62 11.91 5.35
CA ALA A 960 17.59 12.53 4.46
C ALA A 960 18.79 13.06 5.23
N VAL A 961 18.55 13.79 6.32
CA VAL A 961 19.67 14.34 7.07
C VAL A 961 20.45 13.23 7.78
N ALA A 962 19.76 12.17 8.21
CA ALA A 962 20.45 11.03 8.79
C ALA A 962 21.34 10.35 7.76
N LYS A 963 20.83 10.17 6.53
CA LYS A 963 21.65 9.66 5.45
C LYS A 963 22.88 10.52 5.24
N PHE A 964 22.70 11.85 5.24
CA PHE A 964 23.83 12.76 5.10
C PHE A 964 24.90 12.48 6.13
N TRP A 965 24.54 12.50 7.41
CA TRP A 965 25.57 12.39 8.43
C TRP A 965 26.19 11.00 8.45
N THR A 966 25.39 9.96 8.24
CA THR A 966 25.93 8.60 8.19
C THR A 966 26.95 8.47 7.07
N LYS A 967 26.63 8.98 5.88
CA LYS A 967 27.60 8.84 4.80
C LYS A 967 28.83 9.71 5.03
N LEU A 968 28.64 10.89 5.62
CA LEU A 968 29.80 11.70 6.01
C LEU A 968 30.74 10.89 6.90
N ILE A 969 30.18 10.10 7.83
CA ILE A 969 31.04 9.33 8.72
C ILE A 969 31.60 8.09 8.04
N ASN A 970 30.84 7.46 7.13
CA ASN A 970 31.17 6.13 6.63
C ASN A 970 31.57 6.12 5.16
N ASN A 971 31.92 7.26 4.59
CA ASN A 971 32.23 7.32 3.16
C ASN A 971 33.57 6.66 2.89
N LYS A 972 33.58 5.67 2.00
CA LYS A 972 34.77 4.92 1.66
C LYS A 972 35.51 5.47 0.46
N LYS A 973 35.03 6.54 -0.15
CA LYS A 973 35.72 7.19 -1.26
C LYS A 973 36.65 8.30 -0.80
N TYR A 974 36.87 8.42 0.51
CA TYR A 974 37.83 9.40 1.03
C TYR A 974 39.25 8.96 0.75
N ASN A 975 40.09 9.92 0.38
CA ASN A 975 41.52 9.67 0.57
C ASN A 975 41.84 9.98 2.04
N GLN A 976 43.09 9.69 2.43
CA GLN A 976 43.40 9.73 3.85
C GLN A 976 43.40 11.16 4.40
N GLU A 977 43.79 12.14 3.58
CA GLU A 977 43.73 13.53 4.01
C GLU A 977 42.28 13.99 4.22
N GLU A 978 41.40 13.66 3.27
CA GLU A 978 39.99 13.99 3.44
C GLU A 978 39.41 13.30 4.67
N LEU A 979 39.79 12.05 4.90
CA LEU A 979 39.29 11.34 6.08
C LEU A 979 39.76 12.02 7.36
N THR A 980 41.03 12.43 7.41
CA THR A 980 41.55 13.12 8.58
C THR A 980 40.80 14.42 8.83
N THR A 981 40.59 15.21 7.77
CA THR A 981 39.88 16.48 7.94
C THR A 981 38.43 16.27 8.32
N VAL A 982 37.79 15.22 7.79
CA VAL A 982 36.39 14.96 8.14
C VAL A 982 36.28 14.52 9.60
N ARG A 983 37.23 13.72 10.08
CA ARG A 983 37.22 13.36 11.50
C ARG A 983 37.47 14.59 12.37
N GLN A 984 38.37 15.47 11.94
CA GLN A 984 38.59 16.73 12.66
C GLN A 984 37.28 17.53 12.74
N GLN A 985 36.57 17.62 11.62
CA GLN A 985 35.37 18.45 11.56
C GLN A 985 34.23 17.85 12.39
N VAL A 986 34.04 16.53 12.31
CA VAL A 986 32.97 15.89 13.08
C VAL A 986 33.33 15.91 14.57
N SER A 987 34.61 15.84 14.92
CA SER A 987 35.01 16.01 16.31
C SER A 987 34.73 17.42 16.80
N SER A 988 34.72 18.40 15.89
CA SER A 988 34.47 19.78 16.29
C SER A 988 33.00 20.00 16.64
N ILE A 989 32.09 19.48 15.83
CA ILE A 989 30.66 19.67 16.03
C ILE A 989 29.99 18.43 16.62
N GLY A 990 30.78 17.52 17.18
CA GLY A 990 30.21 16.26 17.67
C GLY A 990 29.27 16.43 18.84
N GLY A 991 29.60 17.34 19.75
CA GLY A 991 28.72 17.57 20.89
C GLY A 991 27.37 18.14 20.47
N ASP A 992 27.39 19.21 19.69
CA ASP A 992 26.16 19.76 19.13
C ASP A 992 25.39 18.69 18.37
N LEU A 993 26.10 17.84 17.63
CA LEU A 993 25.44 16.83 16.81
C LEU A 993 24.72 15.80 17.68
N VAL A 994 25.42 15.25 18.67
CA VAL A 994 24.80 14.22 19.50
C VAL A 994 23.69 14.84 20.36
N TYR A 995 23.77 16.14 20.64
CA TYR A 995 22.65 16.82 21.27
C TYR A 995 21.43 16.82 20.37
N GLN A 996 21.61 17.22 19.10
CA GLN A 996 20.49 17.27 18.17
C GLN A 996 19.86 15.91 17.96
N ILE A 997 20.66 14.84 17.98
CA ILE A 997 20.10 13.49 17.88
C ILE A 997 19.21 13.19 19.06
N MSE A 998 19.77 13.25 20.27
CA MSE A 998 19.04 12.90 21.48
C MSE A 998 17.83 13.82 21.69
O MSE A 998 16.80 13.39 22.21
CB MSE A 998 19.96 12.96 22.70
CG MSE A 998 21.14 12.02 22.58
SE MSE A 998 20.57 10.17 22.39
CE MSE A 998 22.31 9.33 22.26
N TYR A 999 17.97 15.08 21.27
CA TYR A 999 16.84 15.99 21.30
C TYR A 999 15.71 15.50 20.40
N GLY A 1000 16.06 14.87 19.28
CA GLY A 1000 15.03 14.35 18.39
C GLY A 1000 14.32 13.14 18.98
N LEU A 1001 15.09 12.15 19.44
CA LEU A 1001 14.47 10.94 19.97
C LEU A 1001 13.60 11.23 21.18
N PHE A 1002 13.88 12.29 21.92
CA PHE A 1002 13.06 12.65 23.06
C PHE A 1002 11.63 12.94 22.63
N HIS A 1003 11.46 13.62 21.49
CA HIS A 1003 10.17 14.11 21.05
C HIS A 1003 9.58 13.35 19.87
N THR A 1004 10.39 12.62 19.10
CA THR A 1004 9.89 11.90 17.95
C THR A 1004 9.19 10.60 18.39
N GLN A 1005 8.74 9.84 17.39
CA GLN A 1005 7.87 8.70 17.60
C GLN A 1005 8.67 7.39 17.41
N ARG A 1006 7.99 6.26 17.55
CA ARG A 1006 8.64 4.96 17.44
C ARG A 1006 8.95 4.61 15.99
N SER A 1007 8.17 5.10 15.03
CA SER A 1007 8.39 4.74 13.64
C SER A 1007 9.69 5.31 13.10
N ASP A 1008 10.04 6.52 13.50
CA ASP A 1008 11.25 7.19 13.03
C ASP A 1008 12.41 7.09 14.01
N LEU A 1009 12.37 6.10 14.92
CA LEU A 1009 13.53 5.86 15.79
C LEU A 1009 14.68 5.26 15.00
N ASN A 1010 14.38 4.28 14.14
CA ASN A 1010 15.44 3.57 13.43
C ASN A 1010 16.30 4.52 12.60
N SER A 1011 15.68 5.52 11.99
CA SER A 1011 16.42 6.47 11.17
C SER A 1011 17.50 7.20 11.97
N TYR A 1012 17.32 7.32 13.28
CA TYR A 1012 18.39 7.88 14.11
C TYR A 1012 19.42 6.85 14.50
N THR A 1013 19.01 5.60 14.72
CA THR A 1013 19.94 4.57 15.20
C THR A 1013 21.13 4.45 14.26
N ASP A 1014 20.87 4.14 12.98
CA ASP A 1014 21.89 4.08 11.95
C ASP A 1014 22.85 5.26 12.04
N LEU A 1015 22.31 6.44 12.35
CA LEU A 1015 23.17 7.60 12.57
C LEU A 1015 23.98 7.44 13.86
N LEU A 1016 23.29 7.38 14.99
CA LEU A 1016 23.97 7.32 16.29
C LEU A 1016 24.98 6.17 16.31
N ARG A 1017 24.54 4.99 15.87
CA ARG A 1017 25.41 3.82 15.83
C ARG A 1017 26.70 4.13 15.08
N ALA A 1018 26.58 4.77 13.91
CA ALA A 1018 27.76 5.15 13.14
C ALA A 1018 28.79 5.84 14.01
N LEU A 1019 28.35 6.84 14.79
CA LEU A 1019 29.26 7.55 15.68
C LEU A 1019 30.05 6.58 16.56
N VAL A 1020 29.35 5.72 17.30
CA VAL A 1020 30.05 4.86 18.24
C VAL A 1020 30.91 3.85 17.50
N ALA A 1021 30.63 3.59 16.22
CA ALA A 1021 31.49 2.72 15.45
C ALA A 1021 32.81 3.39 15.13
N LYS A 1022 32.79 4.70 14.87
CA LYS A 1022 33.98 5.41 14.42
C LYS A 1022 34.60 6.32 15.46
N PHE A 1023 33.79 6.97 16.32
CA PHE A 1023 34.31 7.85 17.36
C PHE A 1023 33.88 7.35 18.74
N PRO A 1024 34.28 6.13 19.13
CA PRO A 1024 33.80 5.60 20.42
C PRO A 1024 34.32 6.37 21.64
N ILE A 1025 35.45 7.05 21.52
CA ILE A 1025 36.03 7.74 22.68
C ILE A 1025 35.33 9.06 22.93
N GLU A 1026 35.12 9.87 21.88
CA GLU A 1026 34.39 11.12 22.07
C GLU A 1026 32.93 10.87 22.40
N ALA A 1027 32.38 9.73 21.97
CA ALA A 1027 30.94 9.48 22.11
C ALA A 1027 30.45 9.72 23.53
N ARG A 1028 31.02 8.98 24.50
CA ARG A 1028 30.61 9.19 25.88
C ARG A 1028 31.04 10.57 26.40
N GLU A 1029 32.16 11.10 25.91
CA GLU A 1029 32.49 12.49 26.22
C GLU A 1029 31.40 13.43 25.77
N TRP A 1030 30.71 13.08 24.68
CA TRP A 1030 29.61 13.85 24.15
C TRP A 1030 28.27 13.46 24.75
N LEU A 1031 28.14 12.22 25.23
CA LEU A 1031 26.88 11.76 25.79
C LEU A 1031 26.65 12.27 27.21
N VAL A 1032 27.70 12.30 28.04
CA VAL A 1032 27.56 12.73 29.42
C VAL A 1032 27.20 14.20 29.54
N ALA A 1033 27.28 14.96 28.45
CA ALA A 1033 26.98 16.38 28.48
C ALA A 1033 25.64 16.75 27.84
N VAL A 1034 25.12 15.91 26.95
CA VAL A 1034 23.89 16.23 26.23
C VAL A 1034 22.70 15.53 26.88
N LEU A 1035 22.97 14.41 27.55
CA LEU A 1035 21.86 13.69 28.20
C LEU A 1035 21.28 14.44 29.38
N PRO A 1036 22.08 15.02 30.30
CA PRO A 1036 21.45 15.81 31.37
C PRO A 1036 20.77 17.08 30.86
N GLN A 1037 21.21 17.62 29.72
CA GLN A 1037 20.57 18.81 29.18
C GLN A 1037 19.17 18.51 28.65
N ILE A 1038 18.95 17.29 28.16
CA ILE A 1038 17.62 16.88 27.74
C ILE A 1038 17.01 15.96 28.80
N ALA A 1043 17.94 9.39 35.02
CA ALA A 1043 19.35 9.70 35.31
C ALA A 1043 20.19 8.45 35.27
N GLY A 1044 19.84 7.47 36.10
CA GLY A 1044 20.59 6.21 36.13
C GLY A 1044 20.51 5.47 34.81
N HIS A 1045 19.28 5.29 34.30
CA HIS A 1045 19.09 4.57 33.04
C HIS A 1045 19.89 5.21 31.92
N GLU A 1046 20.01 6.54 31.92
CA GLU A 1046 20.88 7.21 30.96
C GLU A 1046 22.28 6.62 31.00
N LYS A 1047 22.92 6.63 32.18
CA LYS A 1047 24.23 6.01 32.30
C LYS A 1047 24.19 4.58 31.79
N PHE A 1048 23.09 3.88 32.07
CA PHE A 1048 22.91 2.51 31.57
C PHE A 1048 23.18 2.43 30.07
N ILE A 1049 22.47 3.25 29.27
CA ILE A 1049 22.67 3.16 27.83
C ILE A 1049 24.09 3.54 27.46
N ASN A 1050 24.67 4.51 28.19
CA ASN A 1050 26.05 4.90 27.90
C ASN A 1050 27.00 3.73 28.06
N LYS A 1051 26.69 2.81 28.97
CA LYS A 1051 27.52 1.64 29.19
C LYS A 1051 27.19 0.50 28.24
N LEU A 1052 26.00 0.50 27.62
CA LEU A 1052 25.57 -0.61 26.81
C LEU A 1052 25.44 -0.25 25.33
N LEU A 1053 25.50 1.04 25.00
CA LEU A 1053 25.55 1.43 23.59
C LEU A 1053 26.96 1.32 23.03
N ILE A 1054 27.95 1.85 23.77
CA ILE A 1054 29.33 1.77 23.32
C ILE A 1054 29.85 0.34 23.41
N THR A 1055 29.38 -0.41 24.41
CA THR A 1055 29.79 -1.81 24.55
C THR A 1055 29.43 -2.63 23.32
N ARG A 1056 28.29 -2.32 22.69
CA ARG A 1056 27.85 -3.13 21.56
C ARG A 1056 28.66 -2.85 20.30
N GLY A 1057 29.17 -1.63 20.15
CA GLY A 1057 29.92 -1.30 18.95
C GLY A 1057 29.01 -0.90 17.81
N SER A 1058 28.20 -1.84 17.33
CA SER A 1058 27.29 -1.58 16.21
C SER A 1058 26.35 -2.77 16.04
N ARG A 1059 25.43 -2.62 15.09
CA ARG A 1059 24.57 -3.66 14.51
C ARG A 1059 23.37 -4.01 15.38
N ALA A 1060 23.53 -4.02 16.70
CA ALA A 1060 22.43 -4.35 17.59
C ALA A 1060 22.03 -3.18 18.49
N ALA A 1061 22.27 -1.96 18.03
CA ALA A 1061 21.70 -0.79 18.68
C ALA A 1061 20.21 -0.74 18.35
N GLY A 1062 19.57 0.39 18.68
CA GLY A 1062 18.13 0.46 18.51
C GLY A 1062 17.40 -0.34 19.56
N ASN A 1063 17.72 -1.64 19.65
CA ASN A 1063 17.23 -2.45 20.76
C ASN A 1063 17.74 -1.91 22.08
N VAL A 1064 18.97 -1.40 22.10
CA VAL A 1064 19.46 -0.67 23.26
C VAL A 1064 18.86 0.74 23.34
N ILE A 1065 18.44 1.28 22.20
CA ILE A 1065 17.99 2.67 22.16
C ILE A 1065 16.56 2.81 22.65
N LEU A 1066 15.65 1.95 22.20
CA LEU A 1066 14.25 2.12 22.56
C LEU A 1066 14.03 1.88 24.05
N GLN A 1067 14.75 0.89 24.62
CA GLN A 1067 14.70 0.69 26.07
C GLN A 1067 15.16 1.93 26.83
N TRP A 1068 15.93 2.81 26.18
CA TRP A 1068 16.19 4.14 26.72
C TRP A 1068 14.98 5.05 26.51
N TRP A 1069 14.46 5.08 25.28
CA TRP A 1069 13.32 5.94 24.97
C TRP A 1069 12.10 5.58 25.79
N LEU A 1070 11.91 4.27 26.04
CA LEU A 1070 10.80 3.84 26.89
C LEU A 1070 11.02 4.26 28.35
N ASP A 1071 12.27 4.41 28.77
CA ASP A 1071 12.54 4.93 30.11
C ASP A 1071 12.28 6.43 30.19
N CYS A 1072 13.00 7.21 29.40
CA CYS A 1072 12.98 8.66 29.49
C CYS A 1072 11.71 9.29 28.88
N THR A 1073 10.68 8.49 28.58
CA THR A 1073 9.39 9.03 28.14
C THR A 1073 8.41 9.19 29.30
N THR A 1074 8.39 8.24 30.23
CA THR A 1074 7.42 8.27 31.31
C THR A 1074 7.74 9.38 32.32
N LEU A 1075 8.90 9.30 32.96
CA LEU A 1075 9.29 10.24 34.01
C LEU A 1075 8.23 10.33 35.11
N GLN B 4 -30.78 20.83 5.22
CA GLN B 4 -29.63 19.92 5.07
C GLN B 4 -29.56 18.94 6.23
N VAL B 5 -28.81 17.86 6.04
CA VAL B 5 -28.64 16.83 7.06
C VAL B 5 -27.17 16.81 7.49
N GLN B 6 -26.95 16.41 8.74
CA GLN B 6 -25.66 16.50 9.41
C GLN B 6 -25.28 15.15 9.99
N PHE B 7 -23.99 14.81 9.91
CA PHE B 7 -23.50 13.54 10.42
C PHE B 7 -22.16 13.72 11.11
N LYS B 8 -22.00 13.05 12.25
CA LYS B 8 -20.75 13.09 13.01
C LYS B 8 -19.77 12.05 12.48
N LEU B 9 -18.62 12.50 12.02
CA LEU B 9 -17.53 11.63 11.62
C LEU B 9 -16.40 11.77 12.62
N VAL B 10 -15.77 10.64 12.98
CA VAL B 10 -14.58 10.65 13.82
C VAL B 10 -13.42 10.09 13.02
N LEU B 11 -12.32 10.83 12.96
CA LEU B 11 -11.16 10.49 12.16
C LEU B 11 -10.02 10.12 13.11
N VAL B 12 -9.64 8.84 13.09
CA VAL B 12 -8.66 8.28 14.02
C VAL B 12 -7.53 7.65 13.21
N GLY B 13 -6.47 7.27 13.92
CA GLY B 13 -5.29 6.68 13.33
C GLY B 13 -4.06 7.18 14.03
N ASP B 14 -2.94 6.47 13.82
CA ASP B 14 -1.69 6.83 14.48
C ASP B 14 -1.20 8.20 14.02
N GLY B 15 -0.30 8.78 14.82
CA GLY B 15 0.32 10.04 14.43
C GLY B 15 1.01 9.93 13.09
N GLY B 16 1.06 11.05 12.38
CA GLY B 16 1.43 11.02 10.98
C GLY B 16 0.25 10.55 10.16
N THR B 17 0.51 9.70 9.16
CA THR B 17 -0.55 9.08 8.34
C THR B 17 -1.35 10.10 7.54
N GLY B 18 -1.55 11.30 8.08
CA GLY B 18 -2.13 12.38 7.31
C GLY B 18 -3.62 12.61 7.45
N LYS B 19 -4.12 12.64 8.69
CA LYS B 19 -5.53 12.92 8.91
C LYS B 19 -5.82 14.41 8.78
N THR B 20 -4.99 15.24 9.42
CA THR B 20 -5.19 16.68 9.38
C THR B 20 -5.01 17.23 7.96
N THR B 21 -3.95 16.80 7.27
CA THR B 21 -3.76 17.21 5.89
C THR B 21 -4.90 16.71 5.00
N PHE B 22 -5.47 15.54 5.32
CA PHE B 22 -6.61 15.03 4.58
C PHE B 22 -7.80 15.97 4.69
N VAL B 23 -8.20 16.29 5.92
CA VAL B 23 -9.36 17.17 6.09
C VAL B 23 -9.04 18.58 5.58
N LYS B 24 -7.78 19.00 5.63
CA LYS B 24 -7.45 20.33 5.14
C LYS B 24 -7.51 20.40 3.62
N ARG B 25 -7.11 19.31 2.94
CA ARG B 25 -7.26 19.26 1.49
C ARG B 25 -8.73 19.21 1.10
N HIS B 26 -9.55 18.48 1.86
CA HIS B 26 -10.99 18.51 1.58
C HIS B 26 -11.62 19.86 1.87
N LEU B 27 -11.10 20.61 2.85
CA LEU B 27 -11.74 21.85 3.27
C LEU B 27 -11.30 23.05 2.44
N THR B 28 -10.01 23.17 2.12
CA THR B 28 -9.51 24.35 1.42
C THR B 28 -8.71 24.03 0.16
N GLY B 29 -8.46 22.76 -0.14
CA GLY B 29 -7.59 22.40 -1.24
C GLY B 29 -6.12 22.59 -0.96
N GLU B 30 -5.76 23.10 0.21
CA GLU B 30 -4.37 23.23 0.61
C GLU B 30 -3.79 21.87 0.93
N PHE B 31 -2.50 21.70 0.66
CA PHE B 31 -1.76 20.52 1.09
C PHE B 31 -0.66 20.96 2.05
N GLU B 32 -0.78 20.57 3.31
CA GLU B 32 0.24 20.88 4.30
C GLU B 32 1.39 19.90 4.17
N LYS B 33 2.60 20.44 4.00
CA LYS B 33 3.80 19.62 3.89
C LYS B 33 4.44 19.33 5.24
N LYS B 34 4.25 20.22 6.22
CA LYS B 34 4.86 20.08 7.52
C LYS B 34 3.94 19.32 8.47
N TYR B 35 4.53 18.68 9.48
CA TYR B 35 3.80 17.86 10.43
C TYR B 35 3.84 18.51 11.81
N VAL B 36 2.71 19.13 12.19
CA VAL B 36 2.47 19.58 13.56
C VAL B 36 1.30 18.78 14.10
N ALA B 37 1.56 17.96 15.11
CA ALA B 37 0.56 17.04 15.62
C ALA B 37 -0.59 17.80 16.27
N THR B 38 -1.80 17.27 16.10
CA THR B 38 -2.97 17.89 16.70
C THR B 38 -3.05 17.57 18.19
N LEU B 39 -3.68 18.47 18.94
CA LEU B 39 -3.81 18.37 20.39
C LEU B 39 -5.26 18.06 20.71
N GLY B 40 -5.54 16.78 20.98
CA GLY B 40 -6.89 16.38 21.31
C GLY B 40 -7.75 16.14 20.07
N VAL B 41 -8.41 17.19 19.58
CA VAL B 41 -9.29 17.07 18.43
C VAL B 41 -9.37 18.42 17.73
N GLU B 42 -9.79 18.39 16.47
CA GLU B 42 -10.26 19.58 15.77
C GLU B 42 -11.53 19.19 15.00
N VAL B 43 -12.59 19.97 15.18
CA VAL B 43 -13.89 19.69 14.58
C VAL B 43 -14.09 20.66 13.43
N HIS B 44 -14.36 20.13 12.24
CA HIS B 44 -14.55 20.94 11.03
C HIS B 44 -15.72 20.46 10.19
N PRO B 45 -16.60 21.35 9.73
CA PRO B 45 -17.68 20.93 8.85
C PRO B 45 -17.21 20.79 7.39
N LEU B 46 -17.69 19.74 6.74
CA LEU B 46 -17.45 19.50 5.33
C LEU B 46 -18.79 19.25 4.66
N VAL B 47 -19.23 20.19 3.84
CA VAL B 47 -20.50 20.07 3.12
C VAL B 47 -20.22 19.51 1.73
N PHE B 48 -20.97 18.49 1.34
CA PHE B 48 -20.92 17.95 -0.01
C PHE B 48 -22.27 18.15 -0.69
N HIS B 49 -22.23 18.55 -1.95
CA HIS B 49 -23.42 18.74 -2.75
C HIS B 49 -23.69 17.50 -3.57
N THR B 50 -24.96 17.12 -3.65
CA THR B 50 -25.39 15.93 -4.37
C THR B 50 -26.91 15.96 -4.46
N ASN B 51 -27.46 15.00 -5.19
CA ASN B 51 -28.90 14.82 -5.19
C ASN B 51 -29.39 14.53 -3.77
N ARG B 52 -30.68 14.82 -3.55
CA ARG B 52 -31.29 14.80 -2.21
C ARG B 52 -30.72 15.91 -1.32
N GLY B 53 -30.26 17.00 -1.93
CA GLY B 53 -29.74 18.12 -1.18
C GLY B 53 -28.33 17.88 -0.69
N PRO B 54 -27.76 18.88 -0.02
CA PRO B 54 -26.41 18.73 0.53
C PRO B 54 -26.40 17.91 1.80
N ILE B 55 -25.23 17.39 2.13
CA ILE B 55 -25.01 16.64 3.37
C ILE B 55 -23.70 17.12 3.97
N LYS B 56 -23.69 17.35 5.29
CA LYS B 56 -22.49 17.84 5.94
C LYS B 56 -21.99 16.83 6.96
N PHE B 57 -20.70 16.52 6.89
CA PHE B 57 -20.01 15.73 7.90
C PHE B 57 -19.25 16.72 8.78
N ASN B 58 -19.58 16.77 10.06
CA ASN B 58 -18.69 17.45 11.00
C ASN B 58 -17.65 16.44 11.46
N VAL B 59 -16.39 16.72 11.10
CA VAL B 59 -15.28 15.78 11.20
C VAL B 59 -14.50 16.11 12.46
N TRP B 60 -14.35 15.09 13.30
CA TRP B 60 -13.60 15.12 14.55
C TRP B 60 -12.22 14.52 14.25
N ASP B 61 -11.31 15.37 13.77
CA ASP B 61 -9.93 14.97 13.56
C ASP B 61 -9.27 14.76 14.91
N THR B 62 -9.05 13.51 15.30
CA THR B 62 -8.45 13.23 16.59
C THR B 62 -6.93 13.19 16.49
N ALA B 63 -6.28 13.21 17.65
CA ALA B 63 -4.83 13.15 17.71
C ALA B 63 -4.38 11.68 17.77
N GLY B 64 -3.43 11.35 16.90
CA GLY B 64 -2.91 9.99 16.88
C GLY B 64 -1.92 9.69 17.98
N LEU B 65 -1.16 10.70 18.41
CA LEU B 65 -0.22 10.52 19.50
C LEU B 65 -0.97 10.48 20.81
N GLU B 66 -0.75 9.44 21.62
CA GLU B 66 -1.48 9.34 22.87
C GLU B 66 -1.08 10.44 23.84
N LYS B 67 0.18 10.90 23.74
CA LYS B 67 0.61 12.05 24.53
C LYS B 67 -0.26 13.27 24.29
N PHE B 68 -0.94 13.32 23.14
CA PHE B 68 -1.83 14.42 22.77
C PHE B 68 -3.26 13.93 22.62
N GLY B 69 -3.61 12.80 23.23
CA GLY B 69 -4.89 12.17 22.97
C GLY B 69 -6.09 13.01 23.39
N GLY B 70 -5.95 13.79 24.45
CA GLY B 70 -7.05 14.61 24.89
C GLY B 70 -8.16 13.77 25.50
N LEU B 71 -9.39 13.99 25.04
CA LEU B 71 -10.51 13.20 25.52
C LEU B 71 -10.46 11.76 25.02
N ARG B 72 -9.76 11.51 23.92
CA ARG B 72 -9.56 10.17 23.38
C ARG B 72 -10.89 9.48 23.07
N ASP B 73 -11.30 8.57 23.96
CA ASP B 73 -12.54 7.84 23.75
C ASP B 73 -13.76 8.76 23.80
N GLY B 74 -13.66 9.86 24.57
CA GLY B 74 -14.80 10.76 24.70
C GLY B 74 -15.24 11.37 23.38
N TYR B 75 -14.33 11.49 22.42
CA TYR B 75 -14.69 12.03 21.13
C TYR B 75 -15.57 11.06 20.33
N TYR B 76 -15.54 9.77 20.69
CA TYR B 76 -16.25 8.77 19.92
C TYR B 76 -17.73 8.69 20.27
N ILE B 77 -18.12 9.27 21.42
CA ILE B 77 -19.53 9.26 21.80
C ILE B 77 -20.35 10.07 20.81
N GLN B 78 -21.54 9.55 20.50
CA GLN B 78 -22.48 10.13 19.55
C GLN B 78 -21.93 10.17 18.13
N ALA B 79 -20.88 9.40 17.86
CA ALA B 79 -20.34 9.34 16.51
C ALA B 79 -21.24 8.50 15.63
N GLN B 80 -21.43 8.96 14.39
CA GLN B 80 -22.28 8.28 13.43
C GLN B 80 -21.50 7.59 12.32
N CYS B 81 -20.23 7.94 12.14
CA CYS B 81 -19.38 7.25 11.17
C CYS B 81 -17.92 7.52 11.54
N ALA B 82 -17.03 6.65 11.05
CA ALA B 82 -15.63 6.73 11.42
C ALA B 82 -14.74 6.49 10.21
N ILE B 83 -13.55 7.10 10.26
CA ILE B 83 -12.49 6.83 9.28
C ILE B 83 -11.22 6.49 10.05
N ILE B 84 -10.71 5.27 9.84
CA ILE B 84 -9.42 4.84 10.34
C ILE B 84 -8.41 5.04 9.22
N MET B 85 -7.21 5.52 9.58
CA MET B 85 -6.21 5.85 8.57
C MET B 85 -4.83 5.39 9.03
N PHE B 86 -4.05 4.86 8.10
CA PHE B 86 -2.68 4.45 8.35
C PHE B 86 -1.81 4.92 7.20
N ASP B 87 -0.50 4.82 7.39
CA ASP B 87 0.48 5.22 6.39
C ASP B 87 1.01 3.96 5.69
N VAL B 88 0.79 3.87 4.38
CA VAL B 88 1.24 2.70 3.63
C VAL B 88 2.76 2.61 3.55
N THR B 89 3.47 3.69 3.89
CA THR B 89 4.92 3.67 3.94
C THR B 89 5.46 3.29 5.31
N SER B 90 4.61 3.28 6.34
CA SER B 90 4.99 2.95 7.71
C SER B 90 4.09 1.81 8.18
N ARG B 91 4.61 0.58 8.12
CA ARG B 91 3.79 -0.59 8.38
C ARG B 91 3.30 -0.64 9.83
N VAL B 92 4.02 -0.01 10.77
CA VAL B 92 3.59 -0.01 12.15
C VAL B 92 2.26 0.70 12.31
N THR B 93 1.96 1.68 11.45
CA THR B 93 0.66 2.34 11.51
C THR B 93 -0.46 1.39 11.09
N TYR B 94 -0.18 0.49 10.15
CA TYR B 94 -1.20 -0.49 9.74
C TYR B 94 -1.42 -1.54 10.82
N LYS B 95 -0.40 -1.85 11.62
CA LYS B 95 -0.56 -2.88 12.63
C LYS B 95 -1.38 -2.41 13.82
N ASN B 96 -1.51 -1.10 14.01
CA ASN B 96 -2.36 -0.54 15.05
C ASN B 96 -3.80 -0.33 14.61
N VAL B 97 -4.13 -0.69 13.36
CA VAL B 97 -5.49 -0.50 12.87
C VAL B 97 -6.53 -1.25 13.71
N PRO B 98 -6.34 -2.52 14.04
CA PRO B 98 -7.34 -3.17 14.91
C PRO B 98 -7.47 -2.53 16.28
N ASN B 99 -6.40 -1.90 16.78
CA ASN B 99 -6.50 -1.16 18.04
C ASN B 99 -7.52 -0.03 17.91
N TRP B 100 -7.34 0.83 16.90
CA TRP B 100 -8.30 1.91 16.69
C TRP B 100 -9.70 1.36 16.40
N HIS B 101 -9.77 0.23 15.69
CA HIS B 101 -11.07 -0.34 15.35
C HIS B 101 -11.83 -0.76 16.60
N ARG B 102 -11.17 -1.48 17.50
CA ARG B 102 -11.86 -1.89 18.72
C ARG B 102 -12.12 -0.70 19.64
N ASP B 103 -11.22 0.29 19.67
CA ASP B 103 -11.48 1.48 20.46
C ASP B 103 -12.72 2.22 19.95
N LEU B 104 -12.95 2.20 18.64
CA LEU B 104 -14.16 2.81 18.10
C LEU B 104 -15.39 1.98 18.40
N VAL B 105 -15.36 0.69 18.06
CA VAL B 105 -16.56 -0.15 18.16
C VAL B 105 -16.93 -0.52 19.59
N ARG B 106 -16.01 -0.35 20.55
CA ARG B 106 -16.36 -0.59 21.93
C ARG B 106 -17.30 0.47 22.48
N VAL B 107 -17.49 1.57 21.75
CA VAL B 107 -18.51 2.55 22.09
C VAL B 107 -19.48 2.80 20.94
N CYS B 108 -19.14 2.42 19.70
CA CYS B 108 -19.99 2.60 18.52
C CYS B 108 -19.73 1.41 17.59
N GLU B 109 -20.39 0.29 17.88
CA GLU B 109 -19.99 -0.96 17.23
C GLU B 109 -20.57 -1.11 15.82
N ASN B 110 -21.84 -0.72 15.62
CA ASN B 110 -22.51 -0.96 14.34
C ASN B 110 -22.50 0.26 13.43
N ILE B 111 -21.57 1.18 13.63
CA ILE B 111 -21.47 2.37 12.78
C ILE B 111 -20.61 2.04 11.56
N PRO B 112 -20.78 2.75 10.45
CA PRO B 112 -19.92 2.52 9.29
C PRO B 112 -18.54 3.13 9.48
N ILE B 113 -17.52 2.37 9.11
CA ILE B 113 -16.13 2.76 9.25
C ILE B 113 -15.44 2.55 7.92
N VAL B 114 -14.72 3.57 7.45
CA VAL B 114 -13.89 3.46 6.26
C VAL B 114 -12.43 3.38 6.69
N LEU B 115 -11.71 2.42 6.13
CA LEU B 115 -10.28 2.28 6.36
C LEU B 115 -9.55 2.84 5.15
N CYS B 116 -8.57 3.71 5.38
CA CYS B 116 -7.92 4.45 4.30
C CYS B 116 -6.41 4.28 4.40
N GLY B 117 -5.82 3.73 3.36
CA GLY B 117 -4.38 3.67 3.25
C GLY B 117 -3.84 4.92 2.57
N ASN B 118 -3.34 5.86 3.37
CA ASN B 118 -2.92 7.14 2.83
C ASN B 118 -1.49 7.05 2.27
N LYS B 119 -1.13 8.06 1.49
CA LYS B 119 0.23 8.25 0.98
C LYS B 119 0.60 7.18 -0.05
N VAL B 120 -0.37 6.80 -0.88
CA VAL B 120 -0.09 5.87 -1.98
C VAL B 120 0.85 6.51 -2.98
N ASP B 121 0.87 7.84 -3.06
CA ASP B 121 1.75 8.56 -3.98
C ASP B 121 3.21 8.22 -3.78
N ILE B 122 3.61 7.88 -2.55
CA ILE B 122 4.98 7.44 -2.28
C ILE B 122 5.10 5.99 -2.77
N LYS B 123 5.85 5.79 -3.84
CA LYS B 123 5.90 4.49 -4.49
C LYS B 123 6.88 3.53 -3.83
N ASP B 124 7.52 3.92 -2.73
CA ASP B 124 8.22 2.96 -1.87
C ASP B 124 7.24 2.33 -0.89
N ARG B 125 6.12 1.87 -1.44
CA ARG B 125 5.00 1.39 -0.64
C ARG B 125 5.33 0.06 0.02
N LYS B 126 5.10 -0.02 1.34
CA LYS B 126 5.43 -1.18 2.13
C LYS B 126 4.20 -1.95 2.59
N VAL B 127 3.02 -1.60 2.09
CA VAL B 127 1.77 -2.31 2.39
C VAL B 127 0.98 -2.41 1.10
N LYS B 128 0.77 -3.64 0.63
CA LYS B 128 0.09 -3.88 -0.64
C LYS B 128 -1.38 -4.23 -0.39
N ALA B 129 -2.22 -3.87 -1.36
CA ALA B 129 -3.68 -3.96 -1.17
C ALA B 129 -4.14 -5.39 -0.90
N LYS B 130 -3.44 -6.39 -1.45
CA LYS B 130 -3.81 -7.77 -1.18
C LYS B 130 -3.56 -8.15 0.27
N SER B 131 -2.63 -7.46 0.94
CA SER B 131 -2.38 -7.74 2.35
C SER B 131 -3.56 -7.30 3.21
N ILE B 132 -4.23 -6.20 2.84
CA ILE B 132 -5.37 -5.72 3.61
C ILE B 132 -6.51 -6.72 3.48
N VAL B 133 -7.04 -7.13 4.63
CA VAL B 133 -8.15 -8.08 4.70
C VAL B 133 -9.34 -7.54 5.47
N PHE B 134 -9.28 -6.30 5.94
CA PHE B 134 -10.33 -5.76 6.79
C PHE B 134 -11.57 -5.32 6.00
N HIS B 135 -11.72 -5.79 4.75
CA HIS B 135 -12.94 -5.59 3.99
C HIS B 135 -13.87 -6.79 4.11
N ARG B 136 -13.78 -7.54 5.21
CA ARG B 136 -14.63 -8.72 5.39
C ARG B 136 -16.09 -8.32 5.55
N LYS B 137 -16.37 -7.43 6.51
CA LYS B 137 -17.73 -7.09 6.85
C LYS B 137 -18.24 -5.94 5.97
N LYS B 138 -19.54 -5.71 6.02
CA LYS B 138 -20.17 -4.72 5.14
C LYS B 138 -20.14 -3.32 5.72
N ASN B 139 -20.13 -3.18 7.05
CA ASN B 139 -19.98 -1.88 7.70
C ASN B 139 -18.53 -1.42 7.75
N LEU B 140 -17.69 -1.91 6.85
CA LEU B 140 -16.27 -1.57 6.86
C LEU B 140 -15.73 -1.70 5.44
N GLN B 141 -14.97 -0.70 5.00
CA GLN B 141 -14.50 -0.61 3.63
C GLN B 141 -13.09 -0.06 3.60
N TYR B 142 -12.31 -0.50 2.60
CA TYR B 142 -10.96 -0.03 2.39
C TYR B 142 -10.86 0.80 1.11
N TYR B 143 -9.97 1.79 1.13
CA TYR B 143 -9.65 2.57 -0.05
C TYR B 143 -8.18 3.00 0.02
N ASP B 144 -7.47 2.86 -1.09
CA ASP B 144 -6.20 3.56 -1.28
C ASP B 144 -6.49 5.01 -1.58
N ILE B 145 -6.00 5.91 -0.73
CA ILE B 145 -6.18 7.34 -0.92
C ILE B 145 -4.83 8.04 -0.77
N SER B 146 -4.74 9.24 -1.31
CA SER B 146 -3.55 10.08 -1.18
C SER B 146 -3.99 11.53 -1.07
N ALA B 147 -3.74 12.14 0.09
CA ALA B 147 -4.07 13.54 0.30
C ALA B 147 -3.19 14.48 -0.50
N LYS B 148 -2.08 14.00 -1.04
CA LYS B 148 -1.21 14.79 -1.91
C LYS B 148 -1.52 14.61 -3.39
N SER B 149 -2.16 13.50 -3.76
CA SER B 149 -2.46 13.18 -5.14
C SER B 149 -3.95 13.22 -5.48
N ASN B 150 -4.81 13.39 -4.47
CA ASN B 150 -6.27 13.36 -4.66
C ASN B 150 -6.75 12.04 -5.25
N TYR B 151 -5.93 11.00 -5.19
CA TYR B 151 -6.32 9.68 -5.70
C TYR B 151 -7.32 9.06 -4.73
N ASN B 152 -8.49 8.70 -5.25
CA ASN B 152 -9.65 8.35 -4.44
C ASN B 152 -9.94 9.44 -3.41
N PHE B 153 -9.93 10.68 -3.89
CA PHE B 153 -10.09 11.88 -3.07
C PHE B 153 -11.29 11.81 -2.13
N GLU B 154 -12.49 11.88 -2.68
CA GLU B 154 -13.72 11.92 -1.88
C GLU B 154 -14.54 10.65 -2.05
N LYS B 155 -13.87 9.50 -2.03
CA LYS B 155 -14.53 8.21 -2.13
C LYS B 155 -14.90 7.67 -0.76
N PRO B 156 -14.04 7.76 0.27
CA PRO B 156 -14.48 7.34 1.61
C PRO B 156 -15.69 8.09 2.12
N PHE B 157 -15.84 9.36 1.72
CA PHE B 157 -17.04 10.09 2.09
C PHE B 157 -18.24 9.66 1.25
N LEU B 158 -18.00 9.20 0.02
CA LEU B 158 -19.09 8.73 -0.83
C LEU B 158 -19.67 7.42 -0.29
N TRP B 159 -18.80 6.47 0.08
CA TRP B 159 -19.25 5.20 0.61
C TRP B 159 -20.01 5.40 1.91
N LEU B 160 -19.45 6.20 2.83
CA LEU B 160 -20.15 6.58 4.04
C LEU B 160 -21.53 7.12 3.71
N ALA B 161 -21.59 8.28 3.06
CA ALA B 161 -22.87 8.87 2.66
C ALA B 161 -23.87 7.84 2.15
N ARG B 162 -23.42 6.98 1.23
CA ARG B 162 -24.30 5.96 0.66
C ARG B 162 -24.86 5.05 1.73
N LYS B 163 -24.03 4.61 2.69
CA LYS B 163 -24.56 3.73 3.73
C LYS B 163 -25.37 4.48 4.78
N LEU B 164 -24.99 5.73 5.08
CA LEU B 164 -25.68 6.48 6.12
C LEU B 164 -27.07 6.91 5.69
N ILE B 165 -27.29 7.11 4.38
CA ILE B 165 -28.64 7.51 3.96
C ILE B 165 -29.39 6.31 3.39
N GLY B 166 -28.64 5.36 2.81
CA GLY B 166 -29.24 4.12 2.37
C GLY B 166 -29.48 3.98 0.88
N ASP B 167 -28.60 4.53 0.05
CA ASP B 167 -28.72 4.43 -1.40
C ASP B 167 -27.32 4.34 -1.99
N PRO B 168 -27.00 3.28 -2.72
CA PRO B 168 -25.67 3.15 -3.33
C PRO B 168 -25.44 4.07 -4.51
N ASN B 169 -26.27 5.12 -4.68
CA ASN B 169 -26.23 5.95 -5.88
C ASN B 169 -26.43 7.42 -5.49
N LEU B 170 -25.32 8.13 -5.29
CA LEU B 170 -25.33 9.57 -5.02
C LEU B 170 -24.34 10.34 -5.88
N GLU B 171 -23.12 9.84 -6.06
CA GLU B 171 -22.16 10.33 -7.04
C GLU B 171 -21.65 11.76 -6.82
N PHE B 172 -22.20 12.49 -5.85
CA PHE B 172 -21.69 13.82 -5.49
C PHE B 172 -21.59 14.76 -6.68
N VAL B 173 -22.68 15.43 -7.05
CA VAL B 173 -22.63 16.38 -8.16
C VAL B 173 -21.96 17.66 -7.70
N ALA B 174 -21.21 18.29 -8.60
CA ALA B 174 -20.51 19.53 -8.29
C ALA B 174 -21.35 20.74 -8.66
PG GTP C . -1.59 13.59 14.34
O1G GTP C . -2.85 12.87 14.76
O2G GTP C . -0.48 13.27 15.30
O3G GTP C . -1.84 15.09 14.34
O3B GTP C . -1.21 13.08 12.87
PB GTP C . -1.99 13.61 11.56
O1B GTP C . -2.93 12.53 11.10
O2B GTP C . -2.74 14.90 11.80
O3A GTP C . -0.83 13.83 10.45
PA GTP C . -0.71 15.21 9.63
O1A GTP C . -1.76 15.24 8.55
O2A GTP C . -0.81 16.42 10.54
O5' GTP C . 0.75 15.15 8.95
C5' GTP C . 1.05 14.05 8.12
C4' GTP C . 2.31 14.32 7.30
O4' GTP C . 2.29 13.43 6.20
C3' GTP C . 2.31 15.73 6.75
O3' GTP C . 3.57 16.32 7.01
C2' GTP C . 2.13 15.59 5.25
O2' GTP C . 3.07 16.38 4.56
C1' GTP C . 2.35 14.11 4.97
N9 GTP C . 1.26 13.60 4.11
C8 GTP C . -0.08 13.61 4.40
N7 GTP C . -0.74 13.05 3.36
C5 GTP C . 0.16 12.67 2.43
C6 GTP C . 0.01 12.04 1.20
O6 GTP C . -1.11 11.74 0.79
N1 GTP C . 1.13 11.77 0.45
C2 GTP C . 2.39 12.12 0.92
N2 GTP C . 3.47 11.85 0.19
N3 GTP C . 2.52 12.73 2.14
C4 GTP C . 1.42 13.01 2.88
MG MG D . -3.93 15.55 13.25
#